data_6PKY
#
_entry.id   6PKY
#
_cell.length_a   72.622
_cell.length_b   72.622
_cell.length_c   240.691
_cell.angle_alpha   90.00
_cell.angle_beta   90.00
_cell.angle_gamma   90.00
#
_symmetry.space_group_name_H-M   'P 41'
#
loop_
_entity.id
_entity.type
_entity.pdbx_description
1 polymer 'N-acetylglucosamine-1-phosphodiester alpha-N-acetylglucosaminidase (NAGPA)'
2 branched 2-acetamido-2-deoxy-beta-D-glucopyranose-(1-4)-[alpha-L-fucopyranose-(1-6)]2-acetamido-2-deoxy-beta-D-glucopyranose
3 non-polymer 2-acetamido-2-deoxy-beta-D-glucopyranose
4 non-polymer 'BROMIDE ION'
5 non-polymer 'CHLORIDE ION'
6 water water
#
_entity_poly.entity_id   1
_entity_poly.type   'polypeptide(L)'
_entity_poly.pdbx_seq_one_letter_code
;DRHHHHHHKLIGEGASRDDDLLVPYPRARLRPVRDCTPVHTGSLKHENWPPPPAAPGAGPPAVRTFVSHFGGRAVSGHLT
RAAAPLRTFSVLEPGGPGGCSQKRRATVEETAQAAACRIAQNGGFFRMNTGECLGNVVSDGRRVSSSGGLQNAQFGIRRD
GTLVTGYLSEEEVLDTENPFVQLLSGVVWLIRNGSIYINESQATECDETQETGSFSKFVNVMSARTAIGHDRDGQLVLFH
ADGQTEQRGINLWEMAEFLLRQGVVNAINLDGGGSATFVLNGTLASYPSDHCQDNMWRCPRRVSTVVCVHEP
;
_entity_poly.pdbx_strand_id   A,B,C,D
#
# COMPACT_ATOMS: atom_id res chain seq x y z
N GLY A 14 6.44 18.07 32.05
CA GLY A 14 6.01 16.90 32.80
C GLY A 14 4.51 16.65 32.68
N ALA A 15 3.73 17.73 32.79
CA ALA A 15 2.28 17.63 32.70
C ALA A 15 1.72 19.03 32.44
N SER A 16 0.43 19.21 32.69
CA SER A 16 -0.23 20.47 32.44
C SER A 16 0.05 21.47 33.56
N ARG A 17 -0.22 22.75 33.27
CA ARG A 17 -0.16 23.80 34.27
C ARG A 17 -1.46 23.96 35.04
N ASP A 18 -2.54 23.33 34.57
CA ASP A 18 -3.83 23.35 35.26
C ASP A 18 -4.32 24.78 35.49
N ASP A 19 -4.23 25.60 34.44
CA ASP A 19 -4.65 26.99 34.53
C ASP A 19 -6.14 27.16 34.28
N ASP A 20 -6.66 26.57 33.21
CA ASP A 20 -8.06 26.72 32.83
C ASP A 20 -8.91 25.86 33.76
N LEU A 21 -9.41 26.46 34.83
CA LEU A 21 -10.22 25.78 35.82
C LEU A 21 -11.68 26.20 35.68
N LEU A 22 -12.56 25.21 35.59
CA LEU A 22 -14.00 25.42 35.61
C LEU A 22 -14.51 24.67 36.83
N VAL A 23 -14.73 25.39 37.92
CA VAL A 23 -15.04 24.82 39.23
C VAL A 23 -16.49 25.12 39.55
N PRO A 24 -17.33 24.11 39.82
CA PRO A 24 -18.69 24.42 40.30
C PRO A 24 -18.72 24.99 41.71
N TYR A 25 -17.80 24.57 42.58
CA TYR A 25 -17.76 25.03 43.96
C TYR A 25 -16.33 25.33 44.39
N PRO A 26 -15.95 26.62 44.47
CA PRO A 26 -14.59 26.94 44.96
C PRO A 26 -14.34 26.44 46.38
N ARG A 27 -15.38 26.24 47.18
CA ARG A 27 -15.25 25.71 48.53
C ARG A 27 -15.62 24.24 48.51
N ALA A 28 -14.68 23.38 48.87
CA ALA A 28 -14.90 21.94 48.77
C ALA A 28 -16.05 21.50 49.65
N ARG A 29 -16.99 20.75 49.06
CA ARG A 29 -18.14 20.23 49.78
C ARG A 29 -17.75 19.00 50.58
N LEU A 30 -18.31 18.91 51.78
CA LEU A 30 -17.96 17.90 52.75
C LEU A 30 -18.92 16.71 52.73
N ARG A 31 -18.63 15.76 53.62
CA ARG A 31 -19.33 14.49 53.72
C ARG A 31 -20.39 14.43 54.82
N PRO A 32 -21.07 15.53 55.18
CA PRO A 32 -22.17 15.23 56.09
C PRO A 32 -23.36 14.61 55.36
N GLY A 42 -37.93 19.11 48.37
CA GLY A 42 -38.04 18.68 46.99
C GLY A 42 -37.60 17.26 46.78
N SER A 43 -38.56 16.34 46.66
CA SER A 43 -38.24 14.95 46.40
C SER A 43 -37.49 14.81 45.08
N LEU A 44 -36.72 13.73 44.97
CA LEU A 44 -35.73 13.58 43.90
C LEU A 44 -35.79 12.16 43.34
N LYS A 45 -36.22 12.04 42.09
CA LYS A 45 -36.42 10.77 41.42
C LYS A 45 -35.75 10.85 40.06
N HIS A 46 -35.65 9.70 39.39
CA HIS A 46 -34.89 9.58 38.15
C HIS A 46 -35.73 8.92 37.06
N GLU A 47 -35.28 9.10 35.83
CA GLU A 47 -35.92 8.53 34.65
C GLU A 47 -35.13 7.34 34.14
N ASN A 48 -35.86 6.33 33.68
CA ASN A 48 -35.29 5.09 33.15
C ASN A 48 -35.94 4.77 31.82
N TRP A 49 -35.11 4.40 30.84
CA TRP A 49 -35.58 4.11 29.49
C TRP A 49 -35.30 2.64 29.15
N PRO A 50 -36.31 1.82 28.88
CA PRO A 50 -36.07 0.41 28.59
C PRO A 50 -35.14 0.23 27.40
N PRO A 51 -34.58 -0.96 27.21
CA PRO A 51 -33.65 -1.18 26.11
C PRO A 51 -34.34 -1.72 24.87
N PRO A 52 -34.36 -0.97 23.77
CA PRO A 52 -34.88 -1.53 22.52
C PRO A 52 -33.99 -2.66 22.05
N PRO A 53 -34.54 -3.64 21.31
CA PRO A 53 -33.71 -4.77 20.87
C PRO A 53 -32.98 -4.47 19.57
N ALA A 54 -31.66 -4.68 19.57
CA ALA A 54 -30.85 -4.49 18.37
C ALA A 54 -30.21 -5.81 17.95
N GLY A 59 -23.00 -2.93 16.54
CA GLY A 59 -22.49 -2.03 15.53
C GLY A 59 -21.42 -1.10 16.07
N PRO A 60 -20.65 -0.47 15.19
CA PRO A 60 -19.59 0.43 15.64
C PRO A 60 -20.16 1.79 16.02
N PRO A 61 -19.43 2.57 16.82
CA PRO A 61 -19.87 3.93 17.13
C PRO A 61 -19.84 4.84 15.91
N ALA A 62 -20.56 5.95 16.01
CA ALA A 62 -20.64 6.96 14.95
C ALA A 62 -20.10 8.28 15.50
N VAL A 63 -18.86 8.60 15.15
CA VAL A 63 -18.19 9.82 15.58
C VAL A 63 -18.36 10.88 14.52
N ARG A 64 -18.78 12.08 14.92
CA ARG A 64 -19.05 13.18 14.01
C ARG A 64 -18.31 14.42 14.49
N THR A 65 -17.36 14.89 13.69
CA THR A 65 -16.69 16.15 13.97
C THR A 65 -17.52 17.32 13.43
N PHE A 66 -17.40 18.46 14.09
CA PHE A 66 -18.16 19.64 13.69
C PHE A 66 -17.47 20.91 14.14
N VAL A 67 -17.75 21.99 13.42
CA VAL A 67 -17.43 23.34 13.84
C VAL A 67 -18.65 24.20 13.56
N SER A 68 -19.53 24.35 14.55
CA SER A 68 -20.83 24.97 14.37
C SER A 68 -20.91 26.28 15.14
N HIS A 69 -21.92 27.07 14.80
CA HIS A 69 -22.09 28.41 15.36
C HIS A 69 -23.13 28.42 16.47
N PHE A 70 -22.77 28.98 17.61
CA PHE A 70 -23.70 29.20 18.70
C PHE A 70 -23.63 30.66 19.15
N GLY A 71 -24.76 31.34 19.06
CA GLY A 71 -24.79 32.75 19.44
C GLY A 71 -23.76 33.58 18.70
N GLY A 72 -23.52 33.26 17.43
CA GLY A 72 -22.56 33.99 16.64
C GLY A 72 -21.12 33.63 16.86
N ARG A 73 -20.84 32.49 17.49
CA ARG A 73 -19.47 32.05 17.76
C ARG A 73 -19.29 30.64 17.22
N ALA A 74 -18.22 30.42 16.48
CA ALA A 74 -17.90 29.11 15.94
C ALA A 74 -17.07 28.34 16.95
N VAL A 75 -17.48 27.10 17.23
CA VAL A 75 -16.79 26.26 18.20
C VAL A 75 -16.72 24.84 17.65
N SER A 76 -15.60 24.18 17.93
CA SER A 76 -15.34 22.82 17.46
C SER A 76 -15.69 21.82 18.56
N GLY A 77 -16.11 20.64 18.14
CA GLY A 77 -16.48 19.62 19.10
C GLY A 77 -16.72 18.28 18.42
N HIS A 78 -17.22 17.33 19.20
CA HIS A 78 -17.50 15.99 18.71
C HIS A 78 -18.80 15.48 19.31
N LEU A 79 -19.51 14.67 18.53
CA LEU A 79 -20.72 14.00 18.97
C LEU A 79 -20.57 12.51 18.66
N THR A 80 -20.90 11.67 19.64
CA THR A 80 -20.68 10.23 19.52
C THR A 80 -21.97 9.49 19.78
N ARG A 81 -22.06 8.28 19.23
CA ARG A 81 -23.22 7.42 19.38
C ARG A 81 -22.75 5.97 19.43
N ALA A 82 -23.38 5.19 20.29
CA ALA A 82 -23.00 3.79 20.47
C ALA A 82 -24.25 2.97 20.75
N ALA A 83 -24.33 1.80 20.15
CA ALA A 83 -25.38 0.85 20.45
C ALA A 83 -24.91 -0.10 21.54
N ALA A 84 -25.85 -0.76 22.18
CA ALA A 84 -25.51 -1.70 23.22
C ALA A 84 -24.73 -1.00 24.34
N PRO A 85 -25.29 0.02 24.98
CA PRO A 85 -24.56 0.66 26.08
C PRO A 85 -24.21 -0.34 27.17
N LEU A 86 -25.06 -1.34 27.40
CA LEU A 86 -24.73 -2.36 28.38
C LEU A 86 -23.50 -3.17 28.00
N ARG A 87 -23.16 -3.21 26.71
CA ARG A 87 -22.03 -4.00 26.21
C ARG A 87 -20.90 -3.17 25.64
N THR A 88 -21.14 -1.91 25.30
CA THR A 88 -20.11 -1.06 24.71
C THR A 88 -19.72 0.11 25.60
N PHE A 89 -20.43 0.33 26.70
CA PHE A 89 -20.16 1.43 27.61
C PHE A 89 -19.43 0.94 28.85
N SER A 90 -18.56 1.79 29.38
CA SER A 90 -17.79 1.44 30.56
C SER A 90 -17.26 2.71 31.21
N VAL A 91 -17.22 2.71 32.54
CA VAL A 91 -16.65 3.80 33.33
C VAL A 91 -15.35 3.29 33.93
N LEU A 92 -14.27 4.04 33.70
CA LEU A 92 -12.93 3.62 34.11
C LEU A 92 -12.39 4.53 35.19
N GLU A 93 -11.42 4.01 35.93
CA GLU A 93 -10.69 4.74 36.95
C GLU A 93 -9.36 5.23 36.41
N PRO A 94 -8.81 6.29 36.99
CA PRO A 94 -7.52 6.80 36.48
C PRO A 94 -6.42 5.78 36.67
N GLY A 95 -5.79 5.39 35.55
CA GLY A 95 -4.72 4.43 35.60
C GLY A 95 -5.14 2.99 35.79
N GLY A 96 -6.41 2.67 35.58
CA GLY A 96 -6.89 1.32 35.70
C GLY A 96 -7.71 1.11 36.97
N PRO A 97 -8.16 -0.12 37.19
CA PRO A 97 -8.95 -0.40 38.40
C PRO A 97 -8.21 0.02 39.66
N GLY A 98 -8.97 0.53 40.64
CA GLY A 98 -8.41 1.00 41.88
C GLY A 98 -7.81 2.39 41.81
N GLY A 99 -8.08 3.14 40.74
CA GLY A 99 -7.48 4.46 40.61
C GLY A 99 -8.00 5.44 41.65
N CYS A 100 -9.33 5.47 41.83
CA CYS A 100 -9.91 6.39 42.80
C CYS A 100 -9.53 5.99 44.23
N SER A 101 -9.45 4.69 44.49
CA SER A 101 -9.10 4.22 45.83
C SER A 101 -7.71 4.70 46.24
N GLN A 102 -6.81 4.87 45.28
CA GLN A 102 -5.47 5.35 45.56
C GLN A 102 -5.29 6.83 45.26
N LYS A 103 -6.40 7.55 45.04
CA LYS A 103 -6.35 8.99 44.79
C LYS A 103 -5.38 9.28 43.65
N ARG A 104 -5.61 8.60 42.53
CA ARG A 104 -4.75 8.66 41.35
C ARG A 104 -5.33 9.61 40.31
N ARG A 105 -4.44 10.14 39.48
CA ARG A 105 -4.83 11.02 38.37
C ARG A 105 -4.04 10.62 37.13
N ALA A 106 -4.74 10.41 36.03
CA ALA A 106 -4.11 9.98 34.78
C ALA A 106 -4.80 10.63 33.60
N THR A 107 -4.05 10.76 32.50
CA THR A 107 -4.59 11.37 31.29
C THR A 107 -5.54 10.41 30.60
N VAL A 108 -6.51 10.98 29.88
CA VAL A 108 -7.49 10.17 29.17
C VAL A 108 -6.78 9.19 28.24
N GLU A 109 -5.71 9.66 27.58
CA GLU A 109 -4.97 8.79 26.68
C GLU A 109 -4.38 7.60 27.42
N GLU A 110 -3.70 7.87 28.53
CA GLU A 110 -3.10 6.78 29.31
C GLU A 110 -4.15 5.77 29.73
N THR A 111 -5.26 6.25 30.27
CA THR A 111 -6.32 5.35 30.72
C THR A 111 -7.00 4.67 29.54
N ALA A 112 -7.20 5.42 28.45
CA ALA A 112 -7.88 4.84 27.28
C ALA A 112 -6.98 3.87 26.54
N GLN A 113 -5.70 4.23 26.35
CA GLN A 113 -4.78 3.34 25.66
C GLN A 113 -4.67 2.00 26.38
N ALA A 114 -4.62 2.02 27.71
CA ALA A 114 -4.51 0.78 28.48
C ALA A 114 -5.79 -0.03 28.40
N ALA A 115 -6.95 0.62 28.31
CA ALA A 115 -8.23 -0.06 28.25
C ALA A 115 -8.67 -0.38 26.82
N ALA A 116 -7.89 0.03 25.81
CA ALA A 116 -8.20 -0.24 24.41
C ALA A 116 -9.60 0.26 24.07
N CYS A 117 -9.82 1.55 24.29
CA CYS A 117 -11.11 2.18 24.04
C CYS A 117 -11.12 2.78 22.64
N ARG A 118 -12.19 2.52 21.89
CA ARG A 118 -12.32 3.13 20.57
C ARG A 118 -12.43 4.65 20.70
N ILE A 119 -13.28 5.09 21.62
CA ILE A 119 -13.56 6.51 21.86
C ILE A 119 -13.55 6.73 23.37
N ALA A 120 -12.83 7.76 23.82
CA ALA A 120 -12.73 8.00 25.25
C ALA A 120 -12.63 9.50 25.51
N GLN A 121 -13.21 9.91 26.64
CA GLN A 121 -13.14 11.29 27.09
C GLN A 121 -13.25 11.32 28.60
N ASN A 122 -12.80 12.42 29.21
CA ASN A 122 -12.81 12.58 30.66
C ASN A 122 -14.21 12.34 31.22
N GLY A 123 -14.29 12.07 32.52
CA GLY A 123 -15.56 11.77 33.15
C GLY A 123 -15.90 12.67 34.32
N GLY A 124 -16.18 12.07 35.48
CA GLY A 124 -16.62 12.80 36.64
C GLY A 124 -15.64 13.85 37.14
N PHE A 125 -16.05 14.58 38.17
CA PHE A 125 -15.22 15.60 38.79
C PHE A 125 -14.34 15.00 39.87
N PHE A 126 -13.42 15.81 40.38
CA PHE A 126 -12.47 15.34 41.38
C PHE A 126 -11.83 16.55 42.06
N ARG A 127 -11.05 16.26 43.10
CA ARG A 127 -10.25 17.27 43.77
C ARG A 127 -8.85 17.25 43.14
N MET A 128 -8.44 18.40 42.57
CA MET A 128 -7.21 18.43 41.80
C MET A 128 -6.00 18.06 42.65
N ASN A 129 -5.90 18.64 43.85
CA ASN A 129 -4.71 18.42 44.67
C ASN A 129 -4.67 17.00 45.24
N THR A 130 -5.79 16.50 45.76
CA THR A 130 -5.76 15.16 46.36
C THR A 130 -5.99 14.09 45.30
N GLY A 131 -7.00 14.26 44.46
CA GLY A 131 -7.28 13.34 43.37
C GLY A 131 -8.34 12.29 43.62
N GLU A 132 -9.01 12.31 44.77
CA GLU A 132 -10.04 11.31 45.01
C GLU A 132 -11.25 11.59 44.12
N CYS A 133 -12.01 10.55 43.83
CA CYS A 133 -13.20 10.67 43.00
C CYS A 133 -14.41 10.97 43.88
N LEU A 134 -15.08 12.09 43.57
CA LEU A 134 -16.20 12.57 44.35
C LEU A 134 -17.52 12.12 43.70
N GLY A 135 -18.50 11.80 44.54
CA GLY A 135 -19.79 11.39 44.07
C GLY A 135 -19.88 9.90 43.79
N ASN A 136 -21.11 9.44 43.56
CA ASN A 136 -21.31 8.03 43.26
C ASN A 136 -20.64 7.64 41.96
N VAL A 137 -19.99 6.49 41.96
CA VAL A 137 -19.29 5.97 40.78
C VAL A 137 -19.39 4.45 40.82
N VAL A 138 -19.79 3.86 39.69
CA VAL A 138 -19.86 2.41 39.55
C VAL A 138 -19.12 2.03 38.28
N SER A 139 -18.10 1.20 38.42
CA SER A 139 -17.28 0.74 37.30
C SER A 139 -17.38 -0.77 37.23
N ASP A 140 -18.13 -1.27 36.25
CA ASP A 140 -18.28 -2.71 36.03
C ASP A 140 -18.93 -3.38 37.24
N GLY A 141 -19.97 -2.74 37.78
CA GLY A 141 -20.71 -3.28 38.89
C GLY A 141 -20.07 -3.05 40.25
N ARG A 142 -19.01 -2.25 40.31
CA ARG A 142 -18.26 -2.02 41.54
C ARG A 142 -18.36 -0.55 41.92
N ARG A 143 -18.85 -0.28 43.12
CA ARG A 143 -18.90 1.09 43.62
C ARG A 143 -17.50 1.54 44.01
N VAL A 144 -17.00 2.59 43.37
CA VAL A 144 -15.67 3.11 43.62
C VAL A 144 -15.72 4.42 44.42
N SER A 145 -16.79 5.19 44.31
CA SER A 145 -16.96 6.42 45.06
C SER A 145 -18.43 6.53 45.44
N SER A 146 -18.68 7.27 46.53
CA SER A 146 -20.03 7.47 47.05
C SER A 146 -20.34 8.96 47.11
N SER A 147 -21.64 9.28 47.01
CA SER A 147 -22.05 10.68 47.06
C SER A 147 -21.94 11.27 48.46
N GLY A 148 -22.11 10.45 49.49
CA GLY A 148 -21.98 10.91 50.86
C GLY A 148 -23.04 11.93 51.25
N GLY A 149 -24.30 11.65 50.92
CA GLY A 149 -25.38 12.55 51.26
C GLY A 149 -25.63 13.65 50.25
N LEU A 150 -24.70 13.89 49.34
CA LEU A 150 -24.85 14.91 48.31
C LEU A 150 -25.65 14.37 47.12
N GLN A 151 -26.33 15.28 46.43
CA GLN A 151 -27.23 14.92 45.34
C GLN A 151 -26.87 15.74 44.11
N ASN A 152 -26.36 15.07 43.07
CA ASN A 152 -26.05 15.70 41.79
C ASN A 152 -26.59 14.83 40.67
N ALA A 153 -26.46 15.33 39.44
CA ALA A 153 -26.91 14.58 38.27
C ALA A 153 -26.04 13.36 38.05
N GLN A 154 -26.67 12.23 37.72
CA GLN A 154 -25.97 10.97 37.54
C GLN A 154 -26.54 10.24 36.34
N PHE A 155 -25.67 9.54 35.60
CA PHE A 155 -26.07 8.74 34.45
C PHE A 155 -25.49 7.35 34.61
N GLY A 156 -26.36 6.34 34.57
CA GLY A 156 -25.92 4.97 34.75
C GLY A 156 -26.80 4.01 33.97
N ILE A 157 -26.32 2.78 33.88
CA ILE A 157 -27.03 1.70 33.18
C ILE A 157 -27.21 0.54 34.14
N ARG A 158 -28.36 -0.11 34.06
CA ARG A 158 -28.68 -1.25 34.91
C ARG A 158 -28.52 -2.55 34.12
N ARG A 159 -28.37 -3.64 34.87
CA ARG A 159 -28.05 -4.93 34.26
C ARG A 159 -29.09 -5.33 33.22
N ASP A 160 -30.35 -4.98 33.43
CA ASP A 160 -31.39 -5.33 32.47
C ASP A 160 -31.22 -4.60 31.15
N GLY A 161 -30.43 -3.53 31.10
CA GLY A 161 -30.22 -2.75 29.90
C GLY A 161 -30.89 -1.39 29.90
N THR A 162 -31.52 -0.99 31.00
CA THR A 162 -32.22 0.28 31.06
C THR A 162 -31.23 1.42 31.27
N LEU A 163 -31.41 2.50 30.50
CA LEU A 163 -30.55 3.67 30.61
C LEU A 163 -31.21 4.66 31.57
N VAL A 164 -30.52 4.98 32.65
CA VAL A 164 -31.05 5.83 33.71
C VAL A 164 -30.33 7.16 33.73
N THR A 165 -31.07 8.21 34.07
CA THR A 165 -30.51 9.55 34.19
C THR A 165 -31.27 10.28 35.28
N GLY A 166 -30.56 11.19 35.96
CA GLY A 166 -31.15 12.04 36.98
C GLY A 166 -30.53 11.80 38.34
N TYR A 167 -31.37 11.82 39.38
CA TYR A 167 -30.95 11.70 40.76
C TYR A 167 -31.45 10.40 41.38
N LEU A 168 -30.59 9.74 42.14
CA LEU A 168 -30.94 8.51 42.83
C LEU A 168 -30.42 8.58 44.26
N SER A 169 -31.14 7.93 45.16
CA SER A 169 -30.70 7.80 46.54
C SER A 169 -29.80 6.59 46.67
N GLU A 170 -28.90 6.63 47.66
CA GLU A 170 -27.96 5.52 47.82
C GLU A 170 -28.69 4.21 48.05
N GLU A 171 -29.93 4.26 48.52
CA GLU A 171 -30.72 3.05 48.64
C GLU A 171 -31.00 2.43 47.29
N GLU A 172 -31.38 3.25 46.30
CA GLU A 172 -31.60 2.76 44.95
C GLU A 172 -30.28 2.39 44.28
N VAL A 173 -29.22 3.17 44.55
CA VAL A 173 -27.90 2.87 44.01
C VAL A 173 -27.46 1.47 44.44
N LEU A 174 -27.76 1.10 45.68
CA LEU A 174 -27.33 -0.17 46.24
C LEU A 174 -28.30 -1.32 45.95
N ASP A 175 -29.37 -1.08 45.19
CA ASP A 175 -30.31 -2.16 44.89
C ASP A 175 -29.57 -3.32 44.24
N THR A 176 -29.85 -4.53 44.71
CA THR A 176 -29.24 -5.73 44.13
C THR A 176 -30.07 -6.37 43.03
N GLU A 177 -31.29 -5.87 42.78
CA GLU A 177 -32.14 -6.37 41.71
C GLU A 177 -32.00 -5.40 40.54
N ASN A 178 -31.41 -5.88 39.45
CA ASN A 178 -31.06 -5.03 38.31
C ASN A 178 -30.17 -3.90 38.78
N PRO A 179 -29.02 -4.21 39.38
CA PRO A 179 -28.13 -3.15 39.88
C PRO A 179 -27.43 -2.41 38.75
N PHE A 180 -26.89 -1.25 39.10
CA PHE A 180 -26.11 -0.48 38.14
C PHE A 180 -24.82 -1.22 37.81
N VAL A 181 -24.45 -1.21 36.53
CA VAL A 181 -23.18 -1.76 36.08
C VAL A 181 -22.17 -0.66 35.82
N GLN A 182 -22.63 0.48 35.30
CA GLN A 182 -21.76 1.63 35.04
C GLN A 182 -22.52 2.88 35.45
N LEU A 183 -21.85 3.76 36.21
CA LEU A 183 -22.50 4.97 36.69
C LEU A 183 -21.45 6.02 37.00
N LEU A 184 -21.78 7.28 36.72
CA LEU A 184 -20.97 8.42 37.11
C LEU A 184 -21.90 9.57 37.43
N SER A 185 -21.34 10.63 38.01
CA SER A 185 -22.11 11.78 38.45
C SER A 185 -21.50 13.06 37.91
N GLY A 186 -22.38 14.03 37.64
CA GLY A 186 -21.98 15.34 37.17
C GLY A 186 -22.95 16.37 37.69
N VAL A 187 -22.67 17.63 37.36
CA VAL A 187 -23.47 18.75 37.83
C VAL A 187 -24.54 19.07 36.79
N VAL A 188 -25.73 19.42 37.26
CA VAL A 188 -26.85 19.79 36.42
C VAL A 188 -27.39 18.58 35.66
N TRP A 189 -28.71 18.49 35.56
CA TRP A 189 -29.39 17.52 34.72
C TRP A 189 -29.83 18.25 33.46
N LEU A 190 -29.22 17.93 32.33
CA LEU A 190 -29.37 18.76 31.16
C LEU A 190 -30.74 18.59 30.52
N ILE A 191 -31.21 17.35 30.37
CA ILE A 191 -32.47 17.08 29.69
C ILE A 191 -33.18 15.95 30.43
N ARG A 192 -34.51 16.07 30.54
CA ARG A 192 -35.35 15.01 31.10
C ARG A 192 -36.52 14.78 30.16
N ASN A 193 -36.64 13.55 29.66
CA ASN A 193 -37.75 13.15 28.80
C ASN A 193 -37.97 14.16 27.68
N GLY A 194 -36.88 14.53 27.02
CA GLY A 194 -36.94 15.48 25.92
C GLY A 194 -37.18 16.92 26.29
N SER A 195 -37.04 17.28 27.57
CA SER A 195 -37.24 18.66 28.02
C SER A 195 -36.01 19.15 28.75
N ILE A 196 -35.64 20.41 28.51
CA ILE A 196 -34.53 21.01 29.22
C ILE A 196 -34.80 20.99 30.71
N TYR A 197 -33.80 20.58 31.49
CA TYR A 197 -33.94 20.44 32.93
C TYR A 197 -32.89 21.23 33.70
N ILE A 198 -32.32 22.27 33.09
CA ILE A 198 -31.28 23.04 33.76
C ILE A 198 -31.85 23.80 34.95
N ASN A 199 -32.97 24.49 34.75
CA ASN A 199 -33.58 25.27 35.82
C ASN A 199 -33.93 24.38 37.02
N GLU A 200 -34.44 23.18 36.76
CA GLU A 200 -34.80 22.30 37.87
C GLU A 200 -33.57 21.84 38.62
N SER A 201 -32.42 21.78 37.96
CA SER A 201 -31.17 21.40 38.62
C SER A 201 -30.58 22.57 39.38
N GLN A 202 -30.77 23.80 38.88
CA GLN A 202 -30.20 24.97 39.55
C GLN A 202 -30.64 25.04 41.00
N ALA A 203 -31.90 24.67 41.28
CA ALA A 203 -32.38 24.70 42.66
C ALA A 203 -31.88 23.51 43.45
N THR A 204 -31.83 22.32 42.83
CA THR A 204 -31.47 21.12 43.54
C THR A 204 -29.97 21.01 43.77
N GLU A 205 -29.16 21.33 42.75
CA GLU A 205 -27.73 21.10 42.82
C GLU A 205 -26.95 22.32 43.28
N CYS A 206 -27.62 23.42 43.59
CA CYS A 206 -26.96 24.60 44.12
C CYS A 206 -26.96 24.51 45.64
N ASP A 207 -25.85 24.94 46.25
CA ASP A 207 -25.74 25.02 47.69
C ASP A 207 -25.83 26.47 48.13
N GLU A 208 -26.30 26.68 49.36
CA GLU A 208 -26.49 28.03 49.88
C GLU A 208 -25.33 28.51 50.75
N THR A 209 -24.49 27.61 51.24
CA THR A 209 -23.33 28.05 51.99
C THR A 209 -22.31 28.72 51.08
N GLN A 210 -22.12 28.17 49.88
CA GLN A 210 -21.32 28.84 48.87
C GLN A 210 -22.14 29.96 48.23
N GLU A 211 -21.44 30.86 47.54
CA GLU A 211 -22.13 31.93 46.83
C GLU A 211 -23.05 31.37 45.76
N THR A 212 -24.13 32.09 45.49
CA THR A 212 -25.09 31.67 44.47
C THR A 212 -24.66 32.11 43.07
N GLY A 213 -23.63 32.95 42.95
CA GLY A 213 -23.22 33.47 41.66
C GLY A 213 -21.93 32.86 41.19
N SER A 214 -21.23 32.14 42.08
CA SER A 214 -20.06 31.40 41.68
C SER A 214 -20.49 30.13 40.95
N PHE A 215 -21.58 29.54 41.42
CA PHE A 215 -22.17 28.34 40.81
C PHE A 215 -22.95 28.71 39.55
N SER A 216 -23.72 29.79 39.59
CA SER A 216 -24.47 30.22 38.41
C SER A 216 -23.52 30.54 37.26
N LYS A 217 -22.33 31.08 37.58
CA LYS A 217 -21.32 31.29 36.55
C LYS A 217 -20.89 29.98 35.91
N PHE A 218 -20.71 28.94 36.72
CA PHE A 218 -20.32 27.64 36.19
C PHE A 218 -21.27 27.18 35.09
N VAL A 219 -22.55 27.52 35.20
CA VAL A 219 -23.52 27.13 34.18
C VAL A 219 -23.48 28.09 32.99
N ASN A 220 -23.32 29.38 33.26
CA ASN A 220 -23.43 30.38 32.20
C ASN A 220 -22.09 30.68 31.53
N VAL A 221 -20.97 30.51 32.23
CA VAL A 221 -19.69 30.88 31.66
C VAL A 221 -19.36 29.99 30.46
N MET A 222 -18.62 30.54 29.51
CA MET A 222 -18.27 29.83 28.28
C MET A 222 -16.91 29.15 28.46
N SER A 223 -16.84 27.87 28.07
CA SER A 223 -15.61 27.10 28.21
C SER A 223 -15.84 25.74 27.58
N ALA A 224 -14.76 24.96 27.51
CA ALA A 224 -14.83 23.60 27.01
C ALA A 224 -15.45 22.68 28.05
N ARG A 225 -16.37 21.84 27.62
CA ARG A 225 -17.10 20.96 28.54
C ARG A 225 -17.50 19.70 27.81
N THR A 226 -17.93 18.70 28.58
CA THR A 226 -18.37 17.43 28.04
C THR A 226 -19.68 17.02 28.71
N ALA A 227 -20.40 16.12 28.07
CA ALA A 227 -21.67 15.65 28.58
C ALA A 227 -21.90 14.21 28.12
N ILE A 228 -22.92 13.57 28.68
CA ILE A 228 -23.26 12.19 28.34
C ILE A 228 -24.77 12.04 28.43
N GLY A 229 -25.32 11.23 27.53
CA GLY A 229 -26.74 11.02 27.50
C GLY A 229 -27.12 9.92 26.54
N HIS A 230 -28.40 9.87 26.19
CA HIS A 230 -28.90 8.87 25.26
C HIS A 230 -30.02 9.49 24.43
N ASP A 231 -30.41 8.79 23.36
CA ASP A 231 -31.34 9.29 22.36
C ASP A 231 -32.62 8.47 22.34
N ARG A 232 -33.55 8.91 21.48
CA ARG A 232 -34.87 8.27 21.42
C ARG A 232 -34.75 6.83 20.96
N ASP A 233 -33.78 6.53 20.10
CA ASP A 233 -33.62 5.18 19.57
C ASP A 233 -32.99 4.21 20.56
N GLY A 234 -32.64 4.68 21.75
CA GLY A 234 -32.03 3.82 22.76
C GLY A 234 -30.55 3.61 22.56
N GLN A 235 -29.81 4.67 22.24
CA GLN A 235 -28.38 4.60 22.02
C GLN A 235 -27.67 5.59 22.92
N LEU A 236 -26.45 5.24 23.31
CA LEU A 236 -25.64 6.13 24.13
C LEU A 236 -25.12 7.29 23.30
N VAL A 237 -24.95 8.45 23.95
CA VAL A 237 -24.46 9.66 23.31
C VAL A 237 -23.40 10.30 24.19
N LEU A 238 -22.35 10.81 23.55
CA LEU A 238 -21.27 11.54 24.22
C LEU A 238 -20.99 12.80 23.43
N PHE A 239 -20.78 13.91 24.14
CA PHE A 239 -20.57 15.20 23.53
C PHE A 239 -19.29 15.82 24.06
N HIS A 240 -18.66 16.64 23.22
CA HIS A 240 -17.46 17.37 23.60
C HIS A 240 -17.37 18.65 22.78
N ALA A 241 -17.01 19.75 23.46
CA ALA A 241 -16.86 21.04 22.81
C ALA A 241 -15.58 21.70 23.32
N ASP A 242 -14.72 22.11 22.39
CA ASP A 242 -13.49 22.81 22.76
C ASP A 242 -13.80 24.26 23.10
N GLY A 243 -12.84 24.89 23.78
CA GLY A 243 -12.98 26.28 24.17
C GLY A 243 -12.08 26.61 25.35
N GLN A 244 -12.40 27.75 25.97
CA GLN A 244 -11.61 28.29 27.07
C GLN A 244 -12.56 29.02 28.01
N THR A 245 -12.20 29.03 29.30
CA THR A 245 -13.02 29.72 30.28
C THR A 245 -13.11 31.21 29.96
N GLU A 246 -14.34 31.68 29.74
CA GLU A 246 -14.67 33.08 29.53
C GLU A 246 -14.34 33.58 28.13
N GLN A 247 -13.53 32.85 27.38
CA GLN A 247 -13.09 33.29 26.05
C GLN A 247 -13.71 32.48 24.93
N ARG A 248 -13.51 31.17 24.92
CA ARG A 248 -13.92 30.31 23.81
C ARG A 248 -14.72 29.13 24.33
N GLY A 249 -15.61 28.62 23.49
CA GLY A 249 -16.43 27.48 23.82
C GLY A 249 -17.89 27.85 23.95
N ILE A 250 -18.61 27.05 24.73
CA ILE A 250 -20.03 27.24 24.98
C ILE A 250 -20.29 27.07 26.47
N ASN A 251 -21.45 27.56 26.90
CA ASN A 251 -21.94 27.36 28.25
C ASN A 251 -22.82 26.12 28.28
N LEU A 252 -23.61 25.95 29.34
CA LEU A 252 -24.52 24.82 29.42
C LEU A 252 -25.83 25.09 28.70
N TRP A 253 -26.24 26.35 28.61
CA TRP A 253 -27.49 26.67 27.92
C TRP A 253 -27.38 26.35 26.43
N GLU A 254 -26.33 26.84 25.78
CA GLU A 254 -26.16 26.59 24.35
C GLU A 254 -26.02 25.10 24.07
N MET A 255 -25.32 24.38 24.94
CA MET A 255 -25.05 22.97 24.70
C MET A 255 -26.33 22.16 24.59
N ALA A 256 -27.22 22.29 25.57
CA ALA A 256 -28.43 21.47 25.61
C ALA A 256 -29.25 21.59 24.33
N GLU A 257 -29.38 22.79 23.79
CA GLU A 257 -30.21 22.96 22.59
C GLU A 257 -29.64 22.19 21.41
N PHE A 258 -28.33 22.26 21.19
CA PHE A 258 -27.73 21.50 20.09
C PHE A 258 -27.97 20.02 20.29
N LEU A 259 -27.94 19.55 21.54
CA LEU A 259 -28.17 18.13 21.79
C LEU A 259 -29.62 17.77 21.50
N LEU A 260 -30.56 18.62 21.90
CA LEU A 260 -31.96 18.36 21.58
C LEU A 260 -32.16 18.33 20.07
N ARG A 261 -31.50 19.23 19.35
CA ARG A 261 -31.54 19.17 17.89
C ARG A 261 -30.97 17.87 17.36
N GLN A 262 -30.14 17.19 18.14
CA GLN A 262 -29.53 15.93 17.73
C GLN A 262 -30.29 14.71 18.25
N GLY A 263 -31.40 14.90 18.96
CA GLY A 263 -32.25 13.79 19.33
C GLY A 263 -31.89 13.09 20.62
N VAL A 264 -31.31 13.78 21.59
CA VAL A 264 -30.99 13.19 22.88
C VAL A 264 -32.20 13.32 23.80
N VAL A 265 -32.50 12.25 24.54
CA VAL A 265 -33.63 12.25 25.46
C VAL A 265 -33.20 12.80 26.81
N ASN A 266 -32.20 12.17 27.43
CA ASN A 266 -31.67 12.58 28.72
C ASN A 266 -30.17 12.80 28.60
N ALA A 267 -29.66 13.75 29.36
CA ALA A 267 -28.24 14.05 29.36
C ALA A 267 -27.87 14.75 30.66
N ILE A 268 -26.60 14.62 31.04
CA ILE A 268 -26.05 15.28 32.21
C ILE A 268 -24.72 15.89 31.82
N ASN A 269 -24.33 16.94 32.53
CA ASN A 269 -23.06 17.58 32.28
C ASN A 269 -21.94 16.86 33.03
N LEU A 270 -20.72 17.05 32.53
CA LEU A 270 -19.52 16.44 33.11
C LEU A 270 -18.44 17.51 33.24
N ASP A 271 -17.28 17.09 33.74
CA ASP A 271 -16.19 18.04 33.96
C ASP A 271 -15.80 18.72 32.67
N GLY A 272 -15.35 19.98 32.78
CA GLY A 272 -14.97 20.77 31.64
C GLY A 272 -13.86 21.74 31.99
N GLY A 273 -13.51 22.55 31.01
CA GLY A 273 -12.43 23.53 31.17
C GLY A 273 -11.08 22.95 30.70
N GLY A 274 -10.17 22.75 31.65
CA GLY A 274 -8.94 22.04 31.35
C GLY A 274 -9.09 20.54 31.36
N SER A 275 -10.15 20.03 31.98
CA SER A 275 -10.42 18.60 31.98
C SER A 275 -11.09 18.12 30.70
N ALA A 276 -11.59 19.03 29.87
CA ALA A 276 -12.22 18.65 28.61
C ALA A 276 -11.22 17.96 27.70
N THR A 277 -11.38 16.65 27.50
CA THR A 277 -10.46 15.87 26.70
C THR A 277 -11.25 14.83 25.91
N PHE A 278 -10.96 14.72 24.62
CA PHE A 278 -11.59 13.74 23.74
C PHE A 278 -10.49 12.91 23.08
N VAL A 279 -10.48 11.61 23.39
CA VAL A 279 -9.51 10.66 22.85
C VAL A 279 -10.23 9.73 21.91
N LEU A 280 -9.70 9.58 20.70
CA LEU A 280 -10.27 8.73 19.66
C LEU A 280 -9.23 7.71 19.23
N ASN A 281 -9.55 6.43 19.38
CA ASN A 281 -8.62 5.35 19.02
C ASN A 281 -7.33 5.40 19.86
N GLY A 282 -7.41 5.94 21.07
CA GLY A 282 -6.28 5.95 21.98
C GLY A 282 -5.34 7.12 21.85
N THR A 283 -5.64 8.09 20.99
CA THR A 283 -4.80 9.26 20.81
C THR A 283 -5.65 10.51 20.95
N LEU A 284 -5.00 11.60 21.36
CA LEU A 284 -5.72 12.84 21.60
C LEU A 284 -6.25 13.40 20.28
N ALA A 285 -7.52 13.80 20.27
CA ALA A 285 -8.14 14.38 19.09
C ALA A 285 -8.73 15.75 19.35
N SER A 286 -8.69 16.24 20.58
CA SER A 286 -9.20 17.55 20.95
C SER A 286 -8.03 18.51 21.16
N TYR A 287 -8.37 19.74 21.54
CA TYR A 287 -7.39 20.79 21.86
C TYR A 287 -7.55 21.18 23.32
N PRO A 288 -6.69 20.70 24.22
CA PRO A 288 -6.85 21.03 25.63
C PRO A 288 -6.77 22.53 25.88
N SER A 289 -7.48 22.98 26.91
CA SER A 289 -7.49 24.40 27.24
C SER A 289 -6.29 24.79 28.08
N ASP A 290 -5.86 23.91 28.99
CA ASP A 290 -4.72 24.22 29.83
C ASP A 290 -3.47 24.45 28.98
N HIS A 291 -2.44 24.99 29.61
CA HIS A 291 -1.14 25.21 28.99
C HIS A 291 -0.11 24.30 29.61
N CYS A 292 0.99 24.11 28.89
CA CYS A 292 2.12 23.37 29.41
C CYS A 292 3.01 24.32 30.21
N GLN A 293 3.95 23.75 30.97
CA GLN A 293 4.90 24.58 31.70
C GLN A 293 5.63 25.53 30.77
N ASP A 294 5.88 25.12 29.53
CA ASP A 294 6.43 26.03 28.53
C ASP A 294 5.46 27.16 28.19
N ASN A 295 4.18 27.00 28.55
CA ASN A 295 3.17 28.06 28.44
C ASN A 295 2.59 28.17 27.04
N MET A 296 3.43 28.18 26.01
CA MET A 296 2.90 28.38 24.66
C MET A 296 1.97 27.25 24.24
N TRP A 297 2.33 26.01 24.57
CA TRP A 297 1.57 24.86 24.09
C TRP A 297 0.51 24.46 25.11
N ARG A 298 -0.50 23.74 24.64
CA ARG A 298 -1.59 23.25 25.47
C ARG A 298 -1.35 21.79 25.82
N CYS A 299 -1.50 21.46 27.11
CA CYS A 299 -1.26 20.12 27.59
C CYS A 299 -2.55 19.52 28.16
N PRO A 300 -2.88 18.27 27.84
CA PRO A 300 -4.06 17.65 28.45
C PRO A 300 -3.91 17.55 29.96
N ARG A 301 -5.05 17.59 30.66
CA ARG A 301 -5.06 17.54 32.11
C ARG A 301 -5.14 16.09 32.57
N ARG A 302 -4.52 15.82 33.72
CA ARG A 302 -4.61 14.51 34.34
C ARG A 302 -5.91 14.44 35.14
N VAL A 303 -6.81 13.57 34.72
CA VAL A 303 -8.17 13.53 35.23
C VAL A 303 -8.34 12.26 36.06
N SER A 304 -9.48 12.16 36.74
CA SER A 304 -9.81 10.97 37.51
C SER A 304 -10.47 9.92 36.62
N THR A 305 -11.79 9.77 36.71
CA THR A 305 -12.49 8.76 35.95
C THR A 305 -12.61 9.17 34.48
N VAL A 306 -12.68 8.18 33.61
CA VAL A 306 -12.75 8.38 32.18
C VAL A 306 -13.96 7.62 31.65
N VAL A 307 -14.56 8.14 30.59
CA VAL A 307 -15.69 7.50 29.91
C VAL A 307 -15.14 6.79 28.69
N CYS A 308 -15.44 5.50 28.57
CA CYS A 308 -14.85 4.65 27.56
C CYS A 308 -15.94 3.95 26.76
N VAL A 309 -15.67 3.75 25.48
CA VAL A 309 -16.57 3.04 24.57
C VAL A 309 -15.71 2.14 23.69
N HIS A 310 -16.06 0.86 23.62
CA HIS A 310 -15.25 -0.09 22.88
C HIS A 310 -16.15 -1.16 22.28
N GLU A 311 -15.52 -2.21 21.76
CA GLU A 311 -16.16 -3.31 21.05
C GLU A 311 -15.41 -4.59 21.41
N PRO A 312 -16.01 -5.49 22.20
CA PRO A 312 -15.30 -6.66 22.75
C PRO A 312 -14.36 -7.35 21.78
N GLY B 14 -18.13 7.91 1.56
CA GLY B 14 -16.72 7.85 1.90
C GLY B 14 -15.88 8.85 1.12
N ALA B 15 -16.23 10.14 1.25
CA ALA B 15 -15.52 11.20 0.56
C ALA B 15 -16.08 12.54 1.03
N SER B 16 -15.29 13.59 0.83
CA SER B 16 -15.66 14.93 1.25
C SER B 16 -16.62 15.57 0.25
N ARG B 17 -17.25 16.65 0.69
CA ARG B 17 -18.12 17.46 -0.16
C ARG B 17 -17.34 18.52 -0.94
N ASP B 18 -16.08 18.77 -0.56
CA ASP B 18 -15.19 19.67 -1.28
C ASP B 18 -15.79 21.08 -1.42
N ASP B 19 -16.31 21.60 -0.31
CA ASP B 19 -16.90 22.94 -0.32
C ASP B 19 -15.85 24.02 -0.08
N ASP B 20 -15.01 23.86 0.94
CA ASP B 20 -14.00 24.84 1.29
C ASP B 20 -12.85 24.75 0.30
N LEU B 21 -12.90 25.56 -0.75
CA LEU B 21 -11.91 25.55 -1.81
C LEU B 21 -11.02 26.79 -1.71
N LEU B 22 -9.71 26.58 -1.68
CA LEU B 22 -8.71 27.64 -1.77
C LEU B 22 -7.82 27.32 -2.97
N VAL B 23 -8.06 27.98 -4.08
CA VAL B 23 -7.41 27.68 -5.35
C VAL B 23 -6.43 28.80 -5.67
N PRO B 24 -5.15 28.52 -5.88
CA PRO B 24 -4.23 29.57 -6.32
C PRO B 24 -4.51 30.05 -7.73
N TYR B 25 -4.97 29.19 -8.62
CA TYR B 25 -5.25 29.55 -10.01
C TYR B 25 -6.58 28.94 -10.44
N PRO B 26 -7.65 29.71 -10.49
CA PRO B 26 -8.92 29.17 -11.00
C PRO B 26 -8.83 28.69 -12.43
N ARG B 27 -7.88 29.22 -13.21
CA ARG B 27 -7.67 28.82 -14.60
C ARG B 27 -6.47 27.88 -14.65
N ALA B 28 -6.72 26.62 -15.04
CA ALA B 28 -5.68 25.60 -15.03
C ALA B 28 -4.60 25.89 -16.06
N ARG B 29 -3.34 25.86 -15.61
CA ARG B 29 -2.21 26.06 -16.50
C ARG B 29 -1.86 24.77 -17.22
N LEU B 30 -1.48 24.89 -18.49
CA LEU B 30 -1.23 23.75 -19.36
C LEU B 30 0.27 23.40 -19.35
N ARG B 31 0.73 22.67 -20.38
CA ARG B 31 2.14 22.28 -20.47
C ARG B 31 2.95 23.18 -21.40
N PRO B 32 2.43 24.34 -21.87
CA PRO B 32 3.36 25.22 -22.56
C PRO B 32 3.67 26.48 -21.75
N LEU B 44 17.63 30.86 -11.42
CA LEU B 44 16.80 30.38 -10.33
C LEU B 44 17.63 29.55 -9.35
N LYS B 45 17.92 30.13 -8.19
CA LYS B 45 18.80 29.52 -7.22
C LYS B 45 17.99 28.92 -6.06
N HIS B 46 18.65 28.05 -5.31
CA HIS B 46 18.04 27.35 -4.19
C HIS B 46 18.99 27.38 -3.00
N GLU B 47 18.44 27.15 -1.81
CA GLU B 47 19.23 27.09 -0.58
C GLU B 47 19.33 25.64 -0.12
N ASN B 48 20.52 25.30 0.37
CA ASN B 48 20.81 23.97 0.87
C ASN B 48 21.52 24.07 2.21
N TRP B 49 21.12 23.22 3.16
CA TRP B 49 21.70 23.26 4.49
C TRP B 49 22.46 21.97 4.77
N PRO B 50 23.77 22.03 4.95
CA PRO B 50 24.54 20.81 5.20
C PRO B 50 24.08 20.12 6.47
N PRO B 51 24.51 18.89 6.70
CA PRO B 51 24.09 18.17 7.91
C PRO B 51 25.05 18.41 9.05
N PRO B 52 24.59 19.03 10.13
CA PRO B 52 25.47 19.21 11.29
C PRO B 52 25.85 17.87 11.89
N PRO B 53 27.01 17.77 12.52
CA PRO B 53 27.46 16.48 13.07
C PRO B 53 26.85 16.21 14.43
N ALA B 54 26.24 15.04 14.57
CA ALA B 54 25.65 14.60 15.84
C ALA B 54 26.70 14.56 16.94
N ALA B 58 18.96 11.61 17.84
CA ALA B 58 17.70 11.09 17.33
C ALA B 58 16.68 10.94 18.46
N GLY B 59 15.92 12.01 18.71
CA GLY B 59 14.84 11.99 19.66
C GLY B 59 13.51 11.79 18.96
N PRO B 60 12.46 11.46 19.71
CA PRO B 60 11.16 11.26 19.08
C PRO B 60 10.57 12.59 18.66
N PRO B 61 9.56 12.58 17.78
CA PRO B 61 8.97 13.86 17.36
C PRO B 61 8.33 14.58 18.54
N ALA B 62 8.14 15.89 18.36
CA ALA B 62 7.54 16.74 19.38
C ALA B 62 6.28 17.35 18.78
N VAL B 63 5.13 16.78 19.12
CA VAL B 63 3.85 17.30 18.65
C VAL B 63 3.31 18.23 19.73
N ARG B 64 2.95 19.44 19.33
CA ARG B 64 2.53 20.47 20.26
C ARG B 64 1.20 21.04 19.80
N THR B 65 0.17 20.87 20.63
CA THR B 65 -1.10 21.51 20.38
C THR B 65 -1.03 22.96 20.85
N PHE B 66 -1.79 23.83 20.19
CA PHE B 66 -1.74 25.24 20.54
C PHE B 66 -3.04 25.93 20.14
N VAL B 67 -3.32 27.01 20.86
CA VAL B 67 -4.35 27.97 20.49
C VAL B 67 -3.75 29.35 20.73
N SER B 68 -3.16 29.93 19.70
CA SER B 68 -2.39 31.17 19.82
C SER B 68 -3.10 32.29 19.07
N HIS B 69 -2.67 33.52 19.34
CA HIS B 69 -3.31 34.70 18.80
C HIS B 69 -2.57 35.16 17.54
N PHE B 70 -3.31 35.30 16.45
CA PHE B 70 -2.80 35.85 15.20
C PHE B 70 -3.70 37.01 14.81
N GLY B 71 -3.12 38.21 14.75
CA GLY B 71 -3.93 39.39 14.46
C GLY B 71 -5.08 39.56 15.42
N GLY B 72 -4.89 39.18 16.67
CA GLY B 72 -5.90 39.31 17.70
C GLY B 72 -6.98 38.26 17.71
N ARG B 73 -6.81 37.17 16.97
CA ARG B 73 -7.78 36.08 16.93
C ARG B 73 -7.06 34.76 17.17
N ALA B 74 -7.65 33.93 18.04
CA ALA B 74 -7.08 32.64 18.41
C ALA B 74 -7.49 31.55 17.44
N VAL B 75 -6.51 30.75 17.01
CA VAL B 75 -6.73 29.66 16.06
C VAL B 75 -5.97 28.44 16.55
N SER B 76 -6.54 27.27 16.33
CA SER B 76 -5.98 26.01 16.80
C SER B 76 -5.15 25.33 15.73
N GLY B 77 -4.11 24.63 16.17
CA GLY B 77 -3.24 23.95 15.25
C GLY B 77 -2.22 23.10 15.98
N HIS B 78 -1.26 22.58 15.21
CA HIS B 78 -0.18 21.77 15.74
C HIS B 78 1.12 22.12 15.04
N LEU B 79 2.22 22.02 15.78
CA LEU B 79 3.56 22.22 15.24
C LEU B 79 4.40 21.01 15.62
N THR B 80 5.12 20.47 14.63
CA THR B 80 5.89 19.25 14.80
C THR B 80 7.34 19.47 14.38
N ARG B 81 8.23 18.67 14.97
CA ARG B 81 9.65 18.73 14.65
C ARG B 81 10.22 17.32 14.75
N ALA B 82 11.16 17.01 13.86
CA ALA B 82 11.77 15.70 13.82
C ALA B 82 13.24 15.86 13.45
N ALA B 83 14.09 15.11 14.15
CA ALA B 83 15.49 15.04 13.80
C ALA B 83 15.74 13.87 12.87
N ALA B 84 16.87 13.91 12.19
CA ALA B 84 17.20 12.87 11.23
C ALA B 84 16.14 12.82 10.14
N PRO B 85 15.88 13.92 9.42
CA PRO B 85 14.90 13.85 8.34
C PRO B 85 15.27 12.81 7.30
N LEU B 86 16.56 12.60 7.08
CA LEU B 86 17.01 11.58 6.15
C LEU B 86 16.57 10.20 6.61
N ARG B 87 16.26 10.05 7.90
CA ARG B 87 15.83 8.79 8.49
C ARG B 87 14.39 8.80 8.99
N THR B 88 13.78 9.98 9.18
CA THR B 88 12.43 10.09 9.70
C THR B 88 11.43 10.68 8.71
N PHE B 89 11.87 11.17 7.55
CA PHE B 89 11.00 11.81 6.59
C PHE B 89 10.65 10.89 5.43
N SER B 90 9.45 11.06 4.90
CA SER B 90 8.97 10.25 3.78
C SER B 90 7.82 10.98 3.10
N VAL B 91 7.78 10.88 1.77
CA VAL B 91 6.69 11.42 0.95
C VAL B 91 5.90 10.25 0.39
N LEU B 92 4.59 10.27 0.61
CA LEU B 92 3.72 9.17 0.25
C LEU B 92 2.73 9.59 -0.83
N GLU B 93 2.23 8.59 -1.55
CA GLU B 93 1.17 8.75 -2.54
C GLU B 93 -0.16 8.34 -1.96
N PRO B 94 -1.27 8.86 -2.48
CA PRO B 94 -2.59 8.50 -1.93
C PRO B 94 -2.88 7.03 -2.12
N GLY B 95 -3.08 6.34 -1.00
CA GLY B 95 -3.39 4.92 -1.04
C GLY B 95 -2.22 4.01 -1.32
N GLY B 96 -1.00 4.51 -1.18
CA GLY B 96 0.19 3.71 -1.40
C GLY B 96 0.89 4.06 -2.69
N PRO B 97 1.99 3.34 -2.98
CA PRO B 97 2.73 3.63 -4.22
C PRO B 97 1.83 3.56 -5.44
N GLY B 98 2.13 4.42 -6.41
CA GLY B 98 1.34 4.50 -7.61
C GLY B 98 0.07 5.31 -7.49
N GLY B 99 -0.08 6.10 -6.43
CA GLY B 99 -1.30 6.86 -6.26
C GLY B 99 -1.45 7.94 -7.33
N CYS B 100 -0.39 8.70 -7.57
CA CYS B 100 -0.46 9.74 -8.59
C CYS B 100 -0.57 9.13 -9.98
N SER B 101 0.12 8.01 -10.20
CA SER B 101 0.06 7.35 -11.51
C SER B 101 -1.35 6.91 -11.86
N GLN B 102 -2.17 6.59 -10.86
CA GLN B 102 -3.55 6.17 -11.08
C GLN B 102 -4.55 7.28 -10.84
N LYS B 103 -4.10 8.52 -10.68
CA LYS B 103 -4.96 9.66 -10.37
C LYS B 103 -5.90 9.32 -9.22
N ARG B 104 -5.31 8.91 -8.10
CA ARG B 104 -6.07 8.49 -6.94
C ARG B 104 -6.20 9.63 -5.94
N ARG B 105 -7.24 9.56 -5.12
CA ARG B 105 -7.52 10.53 -4.08
C ARG B 105 -7.88 9.78 -2.82
N ALA B 106 -7.18 10.09 -1.72
CA ALA B 106 -7.41 9.38 -0.46
C ALA B 106 -7.23 10.35 0.70
N THR B 107 -7.87 10.01 1.81
CA THR B 107 -7.78 10.81 3.02
C THR B 107 -6.43 10.60 3.70
N VAL B 108 -5.98 11.61 4.43
CA VAL B 108 -4.70 11.53 5.13
C VAL B 108 -4.68 10.30 6.03
N GLU B 109 -5.82 10.01 6.68
CA GLU B 109 -5.88 8.82 7.53
C GLU B 109 -5.64 7.55 6.71
N GLU B 110 -6.34 7.42 5.59
CA GLU B 110 -6.21 6.23 4.75
C GLU B 110 -4.76 6.02 4.34
N THR B 111 -4.09 7.06 3.85
CA THR B 111 -2.70 6.92 3.41
C THR B 111 -1.77 6.72 4.60
N ALA B 112 -2.03 7.41 5.72
CA ALA B 112 -1.16 7.31 6.88
C ALA B 112 -1.30 5.96 7.59
N GLN B 113 -2.53 5.47 7.71
CA GLN B 113 -2.74 4.18 8.39
C GLN B 113 -1.98 3.06 7.70
N ALA B 114 -1.92 3.08 6.36
CA ALA B 114 -1.22 2.02 5.65
C ALA B 114 0.29 2.10 5.87
N ALA B 115 0.84 3.30 6.02
CA ALA B 115 2.27 3.48 6.22
C ALA B 115 2.68 3.47 7.68
N ALA B 116 1.74 3.35 8.62
CA ALA B 116 2.02 3.31 10.05
C ALA B 116 2.89 4.50 10.46
N CYS B 117 2.38 5.68 10.15
CA CYS B 117 3.08 6.94 10.42
C CYS B 117 2.62 7.51 11.75
N ARG B 118 3.57 7.90 12.59
CA ARG B 118 3.20 8.60 13.83
C ARG B 118 2.54 9.93 13.53
N ILE B 119 3.12 10.72 12.63
CA ILE B 119 2.63 12.05 12.31
C ILE B 119 2.59 12.19 10.80
N ALA B 120 1.42 12.57 10.28
CA ALA B 120 1.25 12.72 8.84
C ALA B 120 0.22 13.80 8.58
N GLN B 121 0.41 14.51 7.47
CA GLN B 121 -0.54 15.51 7.02
C GLN B 121 -0.44 15.63 5.50
N ASN B 122 -1.50 16.17 4.90
CA ASN B 122 -1.55 16.33 3.46
C ASN B 122 -0.34 17.10 2.95
N GLY B 123 -0.04 16.97 1.66
CA GLY B 123 1.13 17.61 1.09
C GLY B 123 0.83 18.51 -0.09
N GLY B 124 1.47 18.23 -1.22
CA GLY B 124 1.35 19.07 -2.39
C GLY B 124 -0.07 19.20 -2.92
N PHE B 125 -0.23 20.01 -3.96
CA PHE B 125 -1.52 20.25 -4.58
C PHE B 125 -1.80 19.18 -5.63
N PHE B 126 -3.02 19.21 -6.18
CA PHE B 126 -3.43 18.22 -7.15
C PHE B 126 -4.63 18.77 -7.93
N ARG B 127 -5.01 18.04 -8.97
CA ARG B 127 -6.18 18.38 -9.77
C ARG B 127 -7.38 17.62 -9.23
N MET B 128 -8.37 18.35 -8.74
CA MET B 128 -9.52 17.73 -8.09
C MET B 128 -10.30 16.88 -9.09
N ASN B 129 -10.50 17.40 -10.29
CA ASN B 129 -11.34 16.73 -11.29
C ASN B 129 -10.67 15.45 -11.78
N THR B 130 -9.40 15.54 -12.15
CA THR B 130 -8.68 14.38 -12.67
C THR B 130 -7.99 13.59 -11.55
N GLY B 131 -7.35 14.28 -10.61
CA GLY B 131 -6.62 13.64 -9.55
C GLY B 131 -5.12 13.63 -9.73
N GLU B 132 -4.59 14.34 -10.72
CA GLU B 132 -3.16 14.37 -10.97
C GLU B 132 -2.44 15.13 -9.86
N CYS B 133 -1.18 14.74 -9.64
CA CYS B 133 -0.31 15.41 -8.68
C CYS B 133 0.48 16.50 -9.42
N LEU B 134 0.39 17.72 -8.92
CA LEU B 134 1.00 18.88 -9.57
C LEU B 134 2.37 19.17 -8.99
N GLY B 135 3.30 19.54 -9.86
CA GLY B 135 4.65 19.91 -9.45
C GLY B 135 5.55 18.70 -9.30
N ASN B 136 6.84 18.99 -9.15
CA ASN B 136 7.80 17.92 -8.97
C ASN B 136 7.54 17.21 -7.65
N VAL B 137 7.63 15.88 -7.67
CA VAL B 137 7.37 15.07 -6.49
C VAL B 137 8.28 13.84 -6.55
N VAL B 138 8.94 13.54 -5.44
CA VAL B 138 9.77 12.35 -5.31
C VAL B 138 9.32 11.60 -4.07
N SER B 139 8.88 10.36 -4.27
CA SER B 139 8.37 9.50 -3.21
C SER B 139 9.26 8.27 -3.14
N ASP B 140 10.09 8.19 -2.10
CA ASP B 140 11.00 7.06 -1.90
C ASP B 140 12.02 6.99 -3.04
N GLY B 141 12.54 8.15 -3.43
CA GLY B 141 13.59 8.25 -4.43
C GLY B 141 13.15 8.17 -5.87
N ARG B 142 11.85 8.13 -6.15
CA ARG B 142 11.36 8.02 -7.52
C ARG B 142 10.49 9.23 -7.85
N ARG B 143 10.79 9.88 -8.97
CA ARG B 143 9.97 10.99 -9.43
C ARG B 143 8.63 10.48 -9.91
N VAL B 144 7.56 10.97 -9.28
CA VAL B 144 6.21 10.54 -9.62
C VAL B 144 5.45 11.61 -10.41
N SER B 145 5.80 12.88 -10.25
CA SER B 145 5.16 13.96 -11.00
C SER B 145 6.22 15.00 -11.35
N SER B 146 5.95 15.74 -12.43
CA SER B 146 6.85 16.77 -12.92
C SER B 146 6.14 18.10 -12.99
N SER B 147 6.92 19.18 -12.87
CA SER B 147 6.35 20.52 -12.92
C SER B 147 5.94 20.91 -14.33
N GLY B 148 6.62 20.38 -15.34
CA GLY B 148 6.29 20.68 -16.72
C GLY B 148 6.59 22.11 -17.10
N GLY B 149 7.79 22.59 -16.76
CA GLY B 149 8.20 23.94 -17.08
C GLY B 149 7.80 24.99 -16.08
N LEU B 150 6.88 24.68 -15.16
CA LEU B 150 6.46 25.62 -14.15
C LEU B 150 7.44 25.60 -12.96
N GLN B 151 7.49 26.72 -12.25
CA GLN B 151 8.45 26.91 -11.16
C GLN B 151 7.69 27.33 -9.92
N ASN B 152 7.67 26.47 -8.91
CA ASN B 152 7.04 26.75 -7.63
C ASN B 152 8.00 26.41 -6.50
N ALA B 153 7.58 26.72 -5.27
CA ALA B 153 8.39 26.42 -4.10
C ALA B 153 8.43 24.92 -3.85
N GLN B 154 9.62 24.41 -3.53
CA GLN B 154 9.82 22.99 -3.33
C GLN B 154 10.72 22.76 -2.13
N PHE B 155 10.45 21.68 -1.39
CA PHE B 155 11.25 21.28 -0.24
C PHE B 155 11.62 19.82 -0.42
N GLY B 156 12.92 19.52 -0.38
CA GLY B 156 13.37 18.16 -0.59
C GLY B 156 14.62 17.87 0.20
N ILE B 157 14.94 16.57 0.29
CA ILE B 157 16.11 16.08 1.00
C ILE B 157 16.92 15.21 0.05
N ARG B 158 18.24 15.35 0.12
CA ARG B 158 19.15 14.58 -0.71
C ARG B 158 19.76 13.45 0.11
N ARG B 159 20.23 12.42 -0.60
CA ARG B 159 20.65 11.21 0.10
C ARG B 159 21.78 11.48 1.09
N ASP B 160 22.69 12.42 0.77
CA ASP B 160 23.78 12.72 1.69
C ASP B 160 23.30 13.39 2.96
N GLY B 161 22.06 13.88 2.98
CA GLY B 161 21.54 14.59 4.13
C GLY B 161 21.32 16.08 3.92
N THR B 162 21.52 16.57 2.70
CA THR B 162 21.36 17.99 2.42
C THR B 162 19.88 18.34 2.31
N LEU B 163 19.47 19.41 2.99
CA LEU B 163 18.10 19.90 2.96
C LEU B 163 18.00 21.02 1.94
N VAL B 164 17.14 20.85 0.93
CA VAL B 164 17.01 21.80 -0.16
C VAL B 164 15.64 22.48 -0.07
N THR B 165 15.61 23.76 -0.42
CA THR B 165 14.36 24.52 -0.47
C THR B 165 14.48 25.58 -1.54
N GLY B 166 13.34 25.90 -2.17
CA GLY B 166 13.26 26.96 -3.16
C GLY B 166 12.88 26.42 -4.52
N TYR B 167 13.51 26.96 -5.55
CA TYR B 167 13.25 26.61 -6.95
C TYR B 167 14.46 25.91 -7.53
N LEU B 168 14.22 24.82 -8.26
CA LEU B 168 15.30 24.05 -8.86
C LEU B 168 14.94 23.67 -10.28
N SER B 169 15.97 23.52 -11.11
CA SER B 169 15.79 23.03 -12.48
C SER B 169 15.85 21.51 -12.49
N GLU B 170 15.19 20.92 -13.48
CA GLU B 170 15.09 19.46 -13.57
C GLU B 170 16.45 18.79 -13.70
N GLU B 171 17.50 19.52 -14.13
CA GLU B 171 18.80 18.88 -14.27
C GLU B 171 19.32 18.39 -12.92
N GLU B 172 19.26 19.24 -11.90
CA GLU B 172 19.68 18.81 -10.56
C GLU B 172 18.64 17.92 -9.88
N VAL B 173 17.35 18.15 -10.13
CA VAL B 173 16.31 17.35 -9.48
C VAL B 173 16.54 15.86 -9.75
N LEU B 174 16.75 15.49 -11.00
CA LEU B 174 17.01 14.10 -11.35
C LEU B 174 18.51 13.79 -11.44
N ASP B 175 19.36 14.77 -11.14
CA ASP B 175 20.80 14.59 -11.21
C ASP B 175 21.25 13.43 -10.33
N THR B 176 22.28 12.74 -10.80
CA THR B 176 22.89 11.64 -10.07
C THR B 176 23.83 12.13 -8.97
N GLU B 177 23.96 13.45 -8.83
CA GLU B 177 24.76 14.06 -7.78
C GLU B 177 23.82 14.38 -6.61
N ASN B 178 23.95 13.63 -5.53
CA ASN B 178 23.07 13.78 -4.37
C ASN B 178 21.61 13.70 -4.83
N PRO B 179 21.17 12.56 -5.37
CA PRO B 179 19.82 12.52 -5.91
C PRO B 179 18.79 12.70 -4.80
N PHE B 180 17.61 13.17 -5.21
CA PHE B 180 16.54 13.39 -4.25
C PHE B 180 15.99 12.06 -3.74
N VAL B 181 15.76 12.00 -2.44
CA VAL B 181 15.08 10.88 -1.81
C VAL B 181 13.63 11.23 -1.51
N GLN B 182 13.38 12.47 -1.10
CA GLN B 182 12.05 12.97 -0.82
C GLN B 182 11.95 14.39 -1.34
N LEU B 183 10.87 14.68 -2.08
CA LEU B 183 10.68 16.00 -2.66
C LEU B 183 9.20 16.20 -2.93
N LEU B 184 8.73 17.42 -2.69
CA LEU B 184 7.36 17.80 -3.04
C LEU B 184 7.37 19.28 -3.42
N SER B 185 6.26 19.72 -3.99
CA SER B 185 6.14 21.10 -4.46
C SER B 185 4.86 21.72 -3.91
N GLY B 186 4.93 23.02 -3.65
CA GLY B 186 3.79 23.79 -3.21
C GLY B 186 3.90 25.21 -3.72
N VAL B 187 2.89 26.01 -3.44
CA VAL B 187 2.83 27.39 -3.91
C VAL B 187 3.40 28.31 -2.84
N VAL B 188 4.14 29.33 -3.27
CA VAL B 188 4.73 30.32 -2.40
C VAL B 188 5.90 29.73 -1.61
N TRP B 189 7.01 30.47 -1.56
CA TRP B 189 8.15 30.15 -0.72
C TRP B 189 8.08 31.07 0.49
N LEU B 190 7.75 30.50 1.65
CA LEU B 190 7.40 31.33 2.81
C LEU B 190 8.63 31.97 3.46
N ILE B 191 9.71 31.21 3.62
CA ILE B 191 10.89 31.69 4.34
C ILE B 191 12.13 31.24 3.59
N ARG B 192 13.13 32.13 3.54
CA ARG B 192 14.43 31.83 2.96
C ARG B 192 15.52 32.27 3.92
N ASN B 193 16.38 31.33 4.31
CA ASN B 193 17.53 31.61 5.16
C ASN B 193 17.12 32.44 6.38
N GLY B 194 16.05 32.01 7.03
CA GLY B 194 15.56 32.71 8.20
C GLY B 194 14.93 34.06 7.91
N SER B 195 14.67 34.37 6.63
CA SER B 195 14.05 35.62 6.23
C SER B 195 12.82 35.33 5.39
N ILE B 196 11.76 36.11 5.60
CA ILE B 196 10.55 35.93 4.81
C ILE B 196 10.88 36.14 3.34
N TYR B 197 10.36 35.24 2.49
CA TYR B 197 10.63 35.29 1.05
C TYR B 197 9.34 35.39 0.25
N ILE B 198 8.27 35.88 0.86
CA ILE B 198 6.98 35.95 0.17
C ILE B 198 7.04 36.99 -0.94
N ASN B 199 7.54 38.19 -0.64
CA ASN B 199 7.67 39.22 -1.66
C ASN B 199 8.54 38.74 -2.81
N GLU B 200 9.66 38.08 -2.49
CA GLU B 200 10.53 37.54 -3.52
C GLU B 200 9.88 36.38 -4.26
N SER B 201 8.97 35.66 -3.59
CA SER B 201 8.31 34.52 -4.22
C SER B 201 7.19 34.98 -5.14
N GLN B 202 6.47 36.04 -4.76
CA GLN B 202 5.39 36.52 -5.62
C GLN B 202 5.91 36.88 -7.00
N ALA B 203 7.15 37.39 -7.10
CA ALA B 203 7.66 37.78 -8.40
C ALA B 203 7.97 36.55 -9.25
N THR B 204 8.48 35.49 -8.63
CA THR B 204 8.79 34.27 -9.37
C THR B 204 7.53 33.49 -9.68
N GLU B 205 6.61 33.41 -8.72
CA GLU B 205 5.42 32.58 -8.79
C GLU B 205 4.19 33.33 -9.30
N CYS B 206 4.34 34.57 -9.76
CA CYS B 206 3.20 35.30 -10.29
C CYS B 206 2.98 34.89 -11.74
N ASP B 207 1.72 34.73 -12.10
CA ASP B 207 1.31 34.43 -13.47
C ASP B 207 0.69 35.66 -14.11
N GLU B 208 0.80 35.73 -15.44
CA GLU B 208 0.22 36.83 -16.19
C GLU B 208 -1.08 36.45 -16.86
N THR B 209 -1.34 35.15 -17.03
CA THR B 209 -2.60 34.71 -17.63
C THR B 209 -3.76 34.84 -16.64
N GLN B 210 -3.54 34.52 -15.37
CA GLN B 210 -4.60 34.68 -14.38
C GLN B 210 -4.77 36.15 -13.99
N GLU B 211 -5.92 36.45 -13.39
CA GLU B 211 -6.16 37.77 -12.86
C GLU B 211 -5.15 38.11 -11.75
N THR B 212 -4.91 39.40 -11.56
CA THR B 212 -3.94 39.86 -10.58
C THR B 212 -4.47 39.84 -9.14
N GLY B 213 -5.77 39.61 -8.93
CA GLY B 213 -6.31 39.68 -7.59
C GLY B 213 -6.72 38.35 -7.00
N SER B 214 -6.74 37.29 -7.80
CA SER B 214 -7.08 35.98 -7.28
C SER B 214 -5.90 35.36 -6.54
N PHE B 215 -4.69 35.56 -7.07
CA PHE B 215 -3.49 35.00 -6.46
C PHE B 215 -3.05 35.81 -5.24
N SER B 216 -3.10 37.14 -5.33
CA SER B 216 -2.72 37.95 -4.18
C SER B 216 -3.67 37.68 -3.00
N LYS B 217 -4.95 37.44 -3.30
CA LYS B 217 -5.88 37.03 -2.25
C LYS B 217 -5.47 35.68 -1.66
N PHE B 218 -5.05 34.75 -2.51
CA PHE B 218 -4.56 33.46 -2.01
C PHE B 218 -3.49 33.63 -0.96
N VAL B 219 -2.65 34.65 -1.08
CA VAL B 219 -1.60 34.88 -0.08
C VAL B 219 -2.17 35.63 1.12
N ASN B 220 -3.07 36.57 0.89
CA ASN B 220 -3.57 37.43 1.97
C ASN B 220 -4.79 36.85 2.68
N VAL B 221 -5.60 36.04 2.00
CA VAL B 221 -6.83 35.55 2.61
C VAL B 221 -6.49 34.63 3.78
N MET B 222 -7.36 34.63 4.79
CA MET B 222 -7.15 33.86 6.01
C MET B 222 -7.86 32.51 5.91
N SER B 223 -7.16 31.44 6.27
CA SER B 223 -7.75 30.10 6.17
C SER B 223 -6.75 29.08 6.74
N ALA B 224 -7.23 27.84 6.84
CA ALA B 224 -6.38 26.73 7.29
C ALA B 224 -5.45 26.27 6.17
N ARG B 225 -4.17 26.11 6.52
CA ARG B 225 -3.13 25.69 5.59
C ARG B 225 -2.06 24.93 6.36
N THR B 226 -1.15 24.32 5.62
CA THR B 226 -0.05 23.57 6.21
C THR B 226 1.24 24.00 5.56
N ALA B 227 2.36 23.70 6.23
CA ALA B 227 3.67 24.09 5.74
C ALA B 227 4.70 23.06 6.19
N ILE B 228 5.91 23.19 5.64
CA ILE B 228 7.01 22.29 5.95
C ILE B 228 8.30 23.09 5.89
N GLY B 229 9.24 22.73 6.75
CA GLY B 229 10.51 23.43 6.79
C GLY B 229 11.52 22.70 7.64
N HIS B 230 12.61 23.42 7.96
CA HIS B 230 13.68 22.86 8.76
C HIS B 230 14.32 23.95 9.60
N ASP B 231 15.17 23.53 10.53
CA ASP B 231 15.84 24.42 11.47
C ASP B 231 17.34 24.37 11.22
N ARG B 232 18.07 25.20 11.97
CA ARG B 232 19.51 25.30 11.78
C ARG B 232 20.23 23.99 12.13
N ASP B 233 19.73 23.24 13.10
CA ASP B 233 20.37 22.01 13.53
C ASP B 233 20.12 20.84 12.57
N GLY B 234 19.40 21.04 11.48
CA GLY B 234 19.15 19.97 10.54
C GLY B 234 18.01 19.06 10.94
N GLN B 235 16.88 19.65 11.36
CA GLN B 235 15.71 18.90 11.76
C GLN B 235 14.51 19.29 10.91
N LEU B 236 13.64 18.32 10.67
CA LEU B 236 12.41 18.55 9.93
C LEU B 236 11.38 19.26 10.78
N VAL B 237 10.55 20.08 10.14
CA VAL B 237 9.48 20.80 10.80
C VAL B 237 8.22 20.69 9.96
N LEU B 238 7.08 20.49 10.62
CA LEU B 238 5.78 20.43 9.98
C LEU B 238 4.80 21.29 10.76
N PHE B 239 3.95 22.02 10.04
CA PHE B 239 3.02 22.96 10.63
C PHE B 239 1.61 22.66 10.17
N HIS B 240 0.64 22.99 11.02
CA HIS B 240 -0.76 22.83 10.69
C HIS B 240 -1.59 23.85 11.47
N ALA B 241 -2.53 24.48 10.78
CA ALA B 241 -3.43 25.46 11.39
C ALA B 241 -4.84 25.22 10.91
N ASP B 242 -5.77 25.05 11.85
CA ASP B 242 -7.17 24.88 11.51
C ASP B 242 -7.80 26.24 11.17
N GLY B 243 -8.97 26.17 10.53
CA GLY B 243 -9.65 27.39 10.14
C GLY B 243 -10.62 27.13 8.99
N GLN B 244 -11.01 28.23 8.35
CA GLN B 244 -11.99 28.22 7.26
C GLN B 244 -11.61 29.33 6.28
N THR B 245 -11.96 29.12 5.01
CA THR B 245 -11.65 30.14 4.01
C THR B 245 -12.34 31.45 4.35
N GLU B 246 -11.54 32.47 4.69
CA GLU B 246 -11.94 33.84 4.93
C GLU B 246 -12.64 34.03 6.27
N GLN B 247 -13.05 32.96 6.97
CA GLN B 247 -13.83 33.09 8.19
C GLN B 247 -12.97 32.86 9.43
N ARG B 248 -12.35 31.69 9.54
CA ARG B 248 -11.54 31.36 10.69
C ARG B 248 -10.17 30.88 10.21
N GLY B 249 -9.17 31.08 11.04
CA GLY B 249 -7.81 30.71 10.72
C GLY B 249 -6.91 31.92 10.55
N ILE B 250 -5.84 31.74 9.78
CA ILE B 250 -4.88 32.79 9.51
C ILE B 250 -4.55 32.77 8.02
N ASN B 251 -3.92 33.85 7.57
CA ASN B 251 -3.46 33.95 6.19
C ASN B 251 -2.03 33.39 6.10
N LEU B 252 -1.36 33.67 4.99
CA LEU B 252 0.01 33.18 4.82
C LEU B 252 1.03 34.09 5.50
N TRP B 253 0.73 35.37 5.63
CA TRP B 253 1.66 36.29 6.27
C TRP B 253 1.83 35.96 7.74
N GLU B 254 0.72 35.87 8.48
CA GLU B 254 0.79 35.57 9.90
C GLU B 254 1.41 34.21 10.16
N MET B 255 1.07 33.24 9.30
CA MET B 255 1.52 31.86 9.49
C MET B 255 3.04 31.74 9.43
N ALA B 256 3.65 32.26 8.35
CA ALA B 256 5.08 32.10 8.16
C ALA B 256 5.89 32.65 9.34
N GLU B 257 5.49 33.79 9.89
CA GLU B 257 6.26 34.40 10.97
C GLU B 257 6.27 33.53 12.22
N PHE B 258 5.14 32.91 12.57
CA PHE B 258 5.09 32.10 13.77
C PHE B 258 6.16 31.01 13.73
N LEU B 259 6.41 30.43 12.56
CA LEU B 259 7.46 29.44 12.46
C LEU B 259 8.84 30.08 12.56
N LEU B 260 9.01 31.25 11.93
CA LEU B 260 10.30 31.93 11.99
C LEU B 260 10.68 32.30 13.42
N ARG B 261 9.70 32.75 14.22
CA ARG B 261 9.98 33.02 15.63
C ARG B 261 10.41 31.75 16.35
N GLN B 262 10.07 30.59 15.81
CA GLN B 262 10.38 29.30 16.42
C GLN B 262 11.66 28.69 15.88
N GLY B 263 12.38 29.40 15.02
CA GLY B 263 13.68 28.95 14.57
C GLY B 263 13.70 28.12 13.31
N VAL B 264 12.76 28.33 12.40
CA VAL B 264 12.79 27.67 11.10
C VAL B 264 13.64 28.52 10.17
N VAL B 265 14.52 27.88 9.41
CA VAL B 265 15.39 28.61 8.49
C VAL B 265 14.66 28.82 7.17
N ASN B 266 14.24 27.73 6.53
CA ASN B 266 13.49 27.77 5.27
C ASN B 266 12.19 27.02 5.44
N ALA B 267 11.16 27.50 4.73
CA ALA B 267 9.85 26.86 4.79
C ALA B 267 9.07 27.19 3.53
N ILE B 268 8.13 26.31 3.20
CA ILE B 268 7.26 26.48 2.05
C ILE B 268 5.84 26.16 2.46
N ASN B 269 4.88 26.74 1.73
CA ASN B 269 3.48 26.48 1.99
C ASN B 269 3.03 25.22 1.25
N LEU B 270 1.95 24.61 1.75
CA LEU B 270 1.40 23.38 1.20
C LEU B 270 -0.10 23.54 1.04
N ASP B 271 -0.76 22.47 0.57
CA ASP B 271 -2.18 22.53 0.32
C ASP B 271 -2.94 22.89 1.59
N GLY B 272 -4.05 23.60 1.42
CA GLY B 272 -4.84 24.07 2.55
C GLY B 272 -6.31 24.17 2.20
N GLY B 273 -7.08 24.66 3.16
CA GLY B 273 -8.52 24.81 3.02
C GLY B 273 -9.27 23.58 3.55
N GLY B 274 -9.91 22.84 2.65
CA GLY B 274 -10.51 21.57 3.04
C GLY B 274 -9.52 20.43 3.10
N SER B 275 -8.36 20.58 2.46
CA SER B 275 -7.32 19.58 2.53
C SER B 275 -6.49 19.67 3.80
N ALA B 276 -6.63 20.76 4.56
CA ALA B 276 -5.88 20.91 5.81
C ALA B 276 -6.28 19.81 6.78
N THR B 277 -5.38 18.85 7.00
CA THR B 277 -5.65 17.70 7.84
C THR B 277 -4.39 17.33 8.60
N PHE B 278 -4.54 17.04 9.88
CA PHE B 278 -3.44 16.59 10.73
C PHE B 278 -3.82 15.23 11.31
N VAL B 279 -3.09 14.20 10.90
CA VAL B 279 -3.31 12.84 11.37
C VAL B 279 -2.12 12.44 12.23
N LEU B 280 -2.42 11.93 13.42
CA LEU B 280 -1.42 11.53 14.41
C LEU B 280 -1.65 10.08 14.80
N ASN B 281 -0.63 9.24 14.61
CA ASN B 281 -0.70 7.83 14.97
C ASN B 281 -1.80 7.14 14.16
N GLY B 282 -2.10 7.68 12.97
CA GLY B 282 -3.07 7.08 12.07
C GLY B 282 -4.50 7.51 12.28
N THR B 283 -4.77 8.46 13.18
CA THR B 283 -6.12 8.93 13.46
C THR B 283 -6.20 10.44 13.32
N LEU B 284 -7.39 10.91 12.99
CA LEU B 284 -7.61 12.34 12.77
C LEU B 284 -7.50 13.10 14.09
N ALA B 285 -6.73 14.19 14.08
CA ALA B 285 -6.57 15.03 15.25
C ALA B 285 -6.93 16.49 14.99
N SER B 286 -7.27 16.84 13.77
CA SER B 286 -7.65 18.20 13.40
C SER B 286 -9.16 18.28 13.19
N TYR B 287 -9.62 19.47 12.81
CA TYR B 287 -11.03 19.73 12.51
C TYR B 287 -11.15 20.11 11.05
N PRO B 288 -11.58 19.20 10.18
CA PRO B 288 -11.63 19.52 8.74
C PRO B 288 -12.57 20.68 8.47
N SER B 289 -12.23 21.44 7.42
CA SER B 289 -13.03 22.60 7.05
C SER B 289 -14.22 22.22 6.17
N ASP B 290 -14.02 21.24 5.28
CA ASP B 290 -15.08 20.81 4.39
C ASP B 290 -16.28 20.29 5.19
N HIS B 291 -17.39 20.11 4.48
CA HIS B 291 -18.60 19.53 5.03
C HIS B 291 -18.83 18.17 4.39
N CYS B 292 -19.65 17.36 5.05
CA CYS B 292 -20.05 16.08 4.48
C CYS B 292 -21.27 16.28 3.58
N GLN B 293 -21.57 15.25 2.79
CA GLN B 293 -22.78 15.28 1.99
C GLN B 293 -24.02 15.48 2.85
N ASP B 294 -23.99 14.95 4.09
CA ASP B 294 -25.06 15.25 5.04
C ASP B 294 -25.08 16.73 5.42
N ASN B 295 -23.99 17.45 5.16
CA ASN B 295 -23.91 18.90 5.31
C ASN B 295 -23.62 19.32 6.75
N MET B 296 -24.31 18.71 7.72
CA MET B 296 -24.17 19.14 9.10
C MET B 296 -22.73 18.95 9.59
N TRP B 297 -22.13 17.82 9.28
CA TRP B 297 -20.80 17.45 9.78
C TRP B 297 -19.70 17.81 8.80
N ARG B 298 -18.49 17.88 9.32
CA ARG B 298 -17.29 18.18 8.54
C ARG B 298 -16.57 16.89 8.20
N CYS B 299 -16.20 16.73 6.92
CA CYS B 299 -15.56 15.51 6.45
C CYS B 299 -14.15 15.79 5.93
N PRO B 300 -13.16 14.96 6.27
CA PRO B 300 -11.83 15.15 5.69
C PRO B 300 -11.86 14.95 4.17
N ARG B 301 -11.00 15.69 3.48
CA ARG B 301 -10.93 15.64 2.03
C ARG B 301 -9.91 14.62 1.57
N ARG B 302 -10.18 14.01 0.41
CA ARG B 302 -9.25 13.07 -0.20
C ARG B 302 -8.19 13.84 -0.98
N VAL B 303 -6.94 13.72 -0.53
CA VAL B 303 -5.84 14.53 -1.04
C VAL B 303 -4.90 13.62 -1.85
N SER B 304 -3.92 14.23 -2.49
CA SER B 304 -2.92 13.49 -3.26
C SER B 304 -1.78 13.01 -2.38
N THR B 305 -0.63 13.67 -2.45
CA THR B 305 0.54 13.21 -1.70
C THR B 305 0.41 13.57 -0.22
N VAL B 306 1.05 12.74 0.62
CA VAL B 306 0.99 12.91 2.07
C VAL B 306 2.42 12.94 2.61
N VAL B 307 2.61 13.69 3.69
CA VAL B 307 3.88 13.79 4.39
C VAL B 307 3.82 12.88 5.63
N CYS B 308 4.82 12.03 5.79
CA CYS B 308 4.83 11.01 6.83
C CYS B 308 6.08 11.12 7.68
N VAL B 309 5.92 10.83 8.97
CA VAL B 309 7.03 10.82 9.92
C VAL B 309 6.85 9.63 10.86
N HIS B 310 7.91 8.84 11.01
CA HIS B 310 7.86 7.64 11.83
C HIS B 310 9.22 7.41 12.45
N GLU B 311 9.40 6.25 13.10
CA GLU B 311 10.60 5.93 13.84
C GLU B 311 10.84 4.43 13.71
N PRO B 312 12.11 3.97 13.62
CA PRO B 312 12.39 2.55 13.37
C PRO B 312 11.54 1.59 14.18
N GLY C 14 22.37 -8.70 -34.42
CA GLY C 14 22.01 -10.09 -34.26
C GLY C 14 21.44 -10.41 -32.90
N ALA C 15 20.76 -11.56 -32.81
CA ALA C 15 20.07 -11.98 -31.59
C ALA C 15 20.30 -13.48 -31.37
N SER C 16 19.23 -14.27 -31.41
CA SER C 16 19.34 -15.69 -31.11
C SER C 16 19.99 -16.44 -32.26
N ARG C 17 20.46 -17.65 -31.95
CA ARG C 17 21.02 -18.55 -32.96
C ARG C 17 19.97 -19.45 -33.60
N ASP C 18 18.78 -19.55 -33.01
CA ASP C 18 17.69 -20.34 -33.59
C ASP C 18 18.12 -21.79 -33.84
N ASP C 19 18.67 -22.41 -32.79
CA ASP C 19 19.17 -23.77 -32.90
C ASP C 19 18.05 -24.80 -32.77
N ASP C 20 17.15 -24.63 -31.80
CA ASP C 20 16.09 -25.61 -31.56
C ASP C 20 15.04 -25.56 -32.66
N LEU C 21 15.19 -26.42 -33.67
CA LEU C 21 14.31 -26.45 -34.83
C LEU C 21 13.41 -27.68 -34.76
N LEU C 22 12.10 -27.45 -34.87
CA LEU C 22 11.09 -28.52 -34.98
C LEU C 22 10.35 -28.31 -36.29
N VAL C 23 10.68 -29.09 -37.30
CA VAL C 23 10.18 -28.89 -38.66
C VAL C 23 9.20 -30.01 -38.97
N PRO C 24 7.95 -29.71 -39.36
CA PRO C 24 7.06 -30.79 -39.82
C PRO C 24 7.52 -31.40 -41.12
N TYR C 25 8.14 -30.61 -42.00
CA TYR C 25 8.65 -31.09 -43.28
C TYR C 25 10.03 -30.49 -43.44
N PRO C 26 11.10 -31.26 -43.24
CA PRO C 26 12.45 -30.69 -43.39
C PRO C 26 12.72 -30.13 -44.77
N ARG C 27 12.06 -30.63 -45.80
CA ARG C 27 12.18 -30.10 -47.15
C ARG C 27 10.91 -29.32 -47.46
N ALA C 28 11.04 -28.00 -47.64
CA ALA C 28 9.87 -27.17 -47.85
C ALA C 28 9.23 -27.52 -49.19
N ARG C 29 7.95 -27.89 -49.15
CA ARG C 29 7.20 -28.19 -50.36
C ARG C 29 6.61 -26.92 -50.97
N LEU C 30 6.58 -26.88 -52.29
CA LEU C 30 6.06 -25.74 -53.03
C LEU C 30 4.57 -25.95 -53.26
N ARG C 31 3.95 -25.02 -53.97
CA ARG C 31 2.51 -25.06 -54.20
C ARG C 31 2.19 -25.72 -55.54
N PRO C 32 1.86 -27.03 -55.57
CA PRO C 32 1.44 -27.67 -56.82
C PRO C 32 -0.02 -27.37 -57.17
N SER C 43 -12.21 -37.44 -47.08
CA SER C 43 -11.43 -36.72 -48.07
C SER C 43 -10.74 -35.51 -47.46
N LEU C 44 -11.52 -34.47 -47.21
CA LEU C 44 -10.99 -33.20 -46.68
C LEU C 44 -12.16 -32.49 -46.00
N LYS C 45 -12.17 -32.48 -44.68
CA LYS C 45 -13.29 -31.94 -43.94
C LYS C 45 -12.83 -31.04 -42.81
N HIS C 46 -13.77 -30.27 -42.28
CA HIS C 46 -13.54 -29.30 -41.23
C HIS C 46 -14.63 -29.46 -40.17
N GLU C 47 -14.36 -28.92 -38.99
CA GLU C 47 -15.32 -28.91 -37.90
C GLU C 47 -15.86 -27.49 -37.75
N ASN C 48 -17.15 -27.39 -37.45
CA ASN C 48 -17.81 -26.10 -37.30
C ASN C 48 -18.60 -26.09 -36.01
N TRP C 49 -18.42 -25.04 -35.21
CA TRP C 49 -19.09 -24.88 -33.93
C TRP C 49 -19.94 -23.62 -33.95
N PRO C 50 -21.27 -23.70 -33.82
CA PRO C 50 -22.08 -22.48 -33.84
C PRO C 50 -21.66 -21.52 -32.74
N PRO C 51 -22.11 -20.27 -32.81
CA PRO C 51 -21.72 -19.28 -31.80
C PRO C 51 -22.73 -19.22 -30.66
N PRO C 52 -22.32 -19.54 -29.44
CA PRO C 52 -23.24 -19.40 -28.32
C PRO C 52 -23.61 -17.96 -28.11
N PRO C 53 -24.83 -17.69 -27.62
CA PRO C 53 -25.25 -16.29 -27.41
C PRO C 53 -24.86 -15.72 -26.07
N ALA C 54 -24.22 -14.55 -26.06
CA ALA C 54 -23.85 -13.87 -24.82
C ALA C 54 -23.33 -12.47 -25.11
N GLY C 59 -16.26 -11.18 -20.34
CA GLY C 59 -15.36 -11.31 -19.21
C GLY C 59 -13.91 -11.29 -19.61
N PRO C 60 -13.01 -11.06 -18.65
CA PRO C 60 -11.58 -11.03 -18.97
C PRO C 60 -11.02 -12.43 -19.13
N PRO C 61 -9.85 -12.58 -19.74
CA PRO C 61 -9.26 -13.91 -19.89
C PRO C 61 -8.88 -14.53 -18.56
N ALA C 62 -8.70 -15.85 -18.59
CA ALA C 62 -8.33 -16.65 -17.42
C ALA C 62 -7.01 -17.35 -17.73
N VAL C 63 -5.92 -16.82 -17.17
CA VAL C 63 -4.58 -17.36 -17.39
C VAL C 63 -4.25 -18.35 -16.28
N ARG C 64 -3.76 -19.52 -16.66
CA ARG C 64 -3.48 -20.61 -15.73
C ARG C 64 -2.04 -21.08 -15.92
N THR C 65 -1.20 -20.86 -14.92
CA THR C 65 0.13 -21.44 -14.89
C THR C 65 0.06 -22.85 -14.30
N PHE C 66 0.97 -23.71 -14.73
CA PHE C 66 0.97 -25.07 -14.23
C PHE C 66 2.36 -25.68 -14.38
N VAL C 67 2.65 -26.64 -13.52
CA VAL C 67 3.80 -27.54 -13.69
C VAL C 67 3.33 -28.95 -13.37
N SER C 68 2.88 -29.67 -14.39
CA SER C 68 2.25 -30.96 -14.23
C SER C 68 3.09 -32.06 -14.89
N HIS C 69 2.73 -33.30 -14.60
CA HIS C 69 3.43 -34.47 -15.11
C HIS C 69 2.73 -34.96 -16.36
N PHE C 70 3.50 -35.15 -17.43
CA PHE C 70 3.00 -35.68 -18.69
C PHE C 70 3.80 -36.93 -19.02
N GLY C 71 3.12 -38.07 -19.05
CA GLY C 71 3.85 -39.32 -19.30
C GLY C 71 5.02 -39.52 -18.37
N GLY C 72 4.87 -39.08 -17.12
CA GLY C 72 5.95 -39.20 -16.15
C GLY C 72 6.99 -38.10 -16.24
N ARG C 73 6.68 -36.99 -16.91
CA ARG C 73 7.60 -35.88 -17.09
C ARG C 73 6.95 -34.58 -16.63
N ALA C 74 7.65 -33.82 -15.80
CA ALA C 74 7.16 -32.53 -15.35
C ALA C 74 7.66 -31.47 -16.33
N VAL C 75 6.75 -30.65 -16.84
CA VAL C 75 7.08 -29.60 -17.80
C VAL C 75 6.25 -28.37 -17.49
N SER C 76 6.83 -27.20 -17.73
CA SER C 76 6.18 -25.94 -17.44
C SER C 76 5.48 -25.42 -18.69
N GLY C 77 4.37 -24.72 -18.47
CA GLY C 77 3.60 -24.20 -19.59
C GLY C 77 2.53 -23.25 -19.11
N HIS C 78 1.64 -22.88 -20.04
CA HIS C 78 0.57 -21.94 -19.75
C HIS C 78 -0.71 -22.37 -20.45
N LEU C 79 -1.84 -22.09 -19.81
CA LEU C 79 -3.16 -22.31 -20.37
C LEU C 79 -3.97 -21.03 -20.24
N THR C 80 -4.60 -20.61 -21.34
CA THR C 80 -5.35 -19.37 -21.38
C THR C 80 -6.75 -19.65 -21.91
N ARG C 81 -7.70 -18.82 -21.49
CA ARG C 81 -9.08 -18.97 -21.93
C ARG C 81 -9.72 -17.58 -21.98
N ALA C 82 -10.55 -17.34 -23.00
CA ALA C 82 -11.17 -16.04 -23.18
C ALA C 82 -12.56 -16.20 -23.76
N ALA C 83 -13.50 -15.42 -23.25
CA ALA C 83 -14.84 -15.31 -23.81
C ALA C 83 -14.90 -14.16 -24.80
N ALA C 84 -15.93 -14.17 -25.65
CA ALA C 84 -16.09 -13.13 -26.66
C ALA C 84 -14.87 -13.11 -27.57
N PRO C 85 -14.58 -14.21 -28.27
CA PRO C 85 -13.38 -14.22 -29.14
C PRO C 85 -13.38 -13.15 -30.20
N LEU C 86 -14.53 -12.79 -30.78
CA LEU C 86 -14.54 -11.79 -31.83
C LEU C 86 -14.08 -10.42 -31.34
N ARG C 87 -14.07 -10.19 -30.02
CA ARG C 87 -13.63 -8.90 -29.49
C ARG C 87 -12.30 -8.99 -28.77
N THR C 88 -11.88 -10.18 -28.34
CA THR C 88 -10.63 -10.36 -27.62
C THR C 88 -9.60 -11.18 -28.38
N PHE C 89 -9.97 -11.80 -29.50
CA PHE C 89 -9.06 -12.62 -30.27
C PHE C 89 -8.58 -11.87 -31.50
N SER C 90 -7.33 -12.12 -31.88
CA SER C 90 -6.76 -11.43 -33.04
C SER C 90 -5.54 -12.20 -33.54
N VAL C 91 -5.37 -12.21 -34.85
CA VAL C 91 -4.19 -12.78 -35.50
C VAL C 91 -3.38 -11.61 -36.04
N LEU C 92 -2.10 -11.56 -35.69
CA LEU C 92 -1.24 -10.43 -36.00
C LEU C 92 -0.15 -10.84 -36.98
N GLU C 93 0.39 -9.84 -37.68
CA GLU C 93 1.52 -10.01 -38.58
C GLU C 93 2.81 -9.60 -37.86
N PRO C 94 3.96 -10.13 -38.27
CA PRO C 94 5.21 -9.79 -37.58
C PRO C 94 5.53 -8.30 -37.73
N GLY C 95 5.62 -7.61 -36.60
CA GLY C 95 5.95 -6.21 -36.60
C GLY C 95 4.82 -5.30 -37.03
N GLY C 96 3.58 -5.79 -37.05
CA GLY C 96 2.46 -5.00 -37.45
C GLY C 96 1.95 -5.37 -38.83
N PRO C 97 0.93 -4.66 -39.31
CA PRO C 97 0.39 -4.95 -40.63
C PRO C 97 1.46 -4.92 -41.72
N GLY C 98 1.30 -5.80 -42.71
CA GLY C 98 2.25 -5.90 -43.79
C GLY C 98 3.48 -6.72 -43.50
N GLY C 99 3.49 -7.50 -42.42
CA GLY C 99 4.67 -8.28 -42.10
C GLY C 99 4.92 -9.38 -43.11
N CYS C 100 3.89 -10.14 -43.46
CA CYS C 100 4.05 -11.20 -44.44
C CYS C 100 4.30 -10.64 -45.83
N SER C 101 3.68 -9.51 -46.16
CA SER C 101 3.88 -8.92 -47.48
C SER C 101 5.34 -8.58 -47.72
N GLN C 102 6.07 -8.19 -46.66
CA GLN C 102 7.48 -7.90 -46.75
C GLN C 102 8.34 -9.02 -46.18
N LYS C 103 7.75 -10.18 -45.88
CA LYS C 103 8.48 -11.31 -45.32
C LYS C 103 9.30 -10.88 -44.12
N ARG C 104 8.61 -10.33 -43.13
CA ARG C 104 9.24 -9.80 -41.93
C ARG C 104 9.24 -10.86 -40.84
N ARG C 105 10.19 -10.75 -39.93
CA ARG C 105 10.29 -11.65 -38.79
C ARG C 105 10.60 -10.83 -37.55
N ALA C 106 9.77 -11.01 -36.51
CA ALA C 106 9.91 -10.25 -35.28
C ALA C 106 9.52 -11.14 -34.11
N THR C 107 10.03 -10.78 -32.94
CA THR C 107 9.71 -11.54 -31.73
C THR C 107 8.28 -11.24 -31.28
N VAL C 108 7.66 -12.23 -30.64
CA VAL C 108 6.30 -12.07 -30.15
C VAL C 108 6.19 -10.86 -29.24
N GLU C 109 7.23 -10.62 -28.42
CA GLU C 109 7.21 -9.49 -27.51
C GLU C 109 7.10 -8.18 -28.27
N GLU C 110 7.94 -8.00 -29.29
CA GLU C 110 7.91 -6.76 -30.07
C GLU C 110 6.52 -6.53 -30.66
N THR C 111 5.95 -7.57 -31.27
CA THR C 111 4.63 -7.44 -31.88
C THR C 111 3.55 -7.25 -30.81
N ALA C 112 3.68 -7.96 -29.69
CA ALA C 112 2.66 -7.85 -28.65
C ALA C 112 2.73 -6.50 -27.96
N GLN C 113 3.93 -6.01 -27.66
CA GLN C 113 4.05 -4.70 -27.03
C GLN C 113 3.45 -3.61 -27.93
N ALA C 114 3.69 -3.70 -29.24
CA ALA C 114 3.12 -2.73 -30.17
C ALA C 114 1.61 -2.90 -30.30
N ALA C 115 1.12 -4.13 -30.21
CA ALA C 115 -0.31 -4.41 -30.33
C ALA C 115 -1.03 -4.33 -29.00
N ALA C 116 -0.31 -4.07 -27.90
CA ALA C 116 -0.90 -3.95 -26.57
C ALA C 116 -1.73 -5.19 -26.25
N CYS C 117 -1.08 -6.34 -26.32
CA CYS C 117 -1.75 -7.61 -26.04
C CYS C 117 -1.56 -7.99 -24.58
N ARG C 118 -2.67 -8.31 -23.91
CA ARG C 118 -2.58 -8.82 -22.54
C ARG C 118 -1.89 -10.18 -22.52
N ILE C 119 -2.29 -11.06 -23.44
CA ILE C 119 -1.73 -12.41 -23.53
C ILE C 119 -1.43 -12.66 -25.00
N ALA C 120 -0.20 -13.09 -25.28
CA ALA C 120 0.21 -13.32 -26.66
C ALA C 120 1.21 -14.47 -26.72
N GLN C 121 1.15 -15.23 -27.81
CA GLN C 121 2.08 -16.32 -28.04
C GLN C 121 2.20 -16.52 -29.55
N ASN C 122 3.28 -17.18 -29.96
CA ASN C 122 3.55 -17.42 -31.37
C ASN C 122 2.35 -18.05 -32.05
N GLY C 123 2.29 -17.97 -33.38
CA GLY C 123 1.17 -18.49 -34.13
C GLY C 123 1.59 -19.48 -35.21
N GLY C 124 1.18 -19.21 -36.44
CA GLY C 124 1.44 -20.11 -37.55
C GLY C 124 2.91 -20.35 -37.82
N PHE C 125 3.18 -21.22 -38.78
CA PHE C 125 4.54 -21.55 -39.18
C PHE C 125 5.05 -20.58 -40.23
N PHE C 126 6.33 -20.70 -40.57
CA PHE C 126 6.94 -19.80 -41.54
C PHE C 126 8.21 -20.45 -42.06
N ARG C 127 8.79 -19.85 -43.10
CA ARG C 127 10.05 -20.29 -43.66
C ARG C 127 11.19 -19.46 -43.06
N MET C 128 12.09 -20.13 -42.36
CA MET C 128 13.16 -19.43 -41.63
C MET C 128 14.08 -18.68 -42.58
N ASN C 129 14.46 -19.30 -43.71
CA ASN C 129 15.47 -18.72 -44.57
C ASN C 129 14.98 -17.43 -45.22
N THR C 130 13.78 -17.46 -45.81
CA THR C 130 13.23 -16.29 -46.48
C THR C 130 12.41 -15.40 -45.57
N GLY C 131 11.60 -15.99 -44.70
CA GLY C 131 10.67 -15.24 -43.87
C GLY C 131 9.24 -15.30 -44.35
N GLU C 132 8.94 -16.18 -45.30
CA GLU C 132 7.59 -16.30 -45.83
C GLU C 132 6.62 -16.84 -44.80
N CYS C 133 5.37 -16.43 -44.91
CA CYS C 133 4.30 -16.92 -44.05
C CYS C 133 3.63 -18.10 -44.74
N LEU C 134 3.59 -19.24 -44.07
CA LEU C 134 3.05 -20.47 -44.64
C LEU C 134 1.61 -20.66 -44.19
N GLY C 135 0.77 -21.10 -45.11
CA GLY C 135 -0.62 -21.39 -44.83
C GLY C 135 -1.51 -20.16 -44.91
N ASN C 136 -2.82 -20.42 -44.91
CA ASN C 136 -3.80 -19.36 -44.97
C ASN C 136 -3.79 -18.53 -43.69
N VAL C 137 -3.92 -17.21 -43.84
CA VAL C 137 -3.92 -16.29 -42.71
C VAL C 137 -4.85 -15.13 -43.03
N VAL C 138 -5.75 -14.83 -42.10
CA VAL C 138 -6.66 -13.68 -42.21
C VAL C 138 -6.56 -12.90 -40.90
N SER C 139 -6.19 -11.63 -40.98
CA SER C 139 -6.03 -10.77 -39.81
C SER C 139 -6.98 -9.59 -39.92
N ASP C 140 -8.04 -9.61 -39.09
CA ASP C 140 -9.01 -8.51 -39.04
C ASP C 140 -9.73 -8.37 -40.39
N GLY C 141 -10.14 -9.49 -40.97
CA GLY C 141 -10.89 -9.46 -42.21
C GLY C 141 -10.05 -9.31 -43.46
N ARG C 142 -8.72 -9.37 -43.34
CA ARG C 142 -7.82 -9.16 -44.46
C ARG C 142 -7.03 -10.43 -44.70
N ARG C 143 -7.10 -10.95 -45.92
CA ARG C 143 -6.31 -12.11 -46.29
C ARG C 143 -4.86 -11.70 -46.49
N VAL C 144 -3.96 -12.27 -45.70
CA VAL C 144 -2.55 -11.92 -45.77
C VAL C 144 -1.70 -13.01 -46.40
N SER C 145 -2.06 -14.29 -46.25
CA SER C 145 -1.31 -15.36 -46.88
C SER C 145 -2.25 -16.47 -47.29
N SER C 146 -1.84 -17.23 -48.31
CA SER C 146 -2.59 -18.36 -48.81
C SER C 146 -1.70 -19.59 -48.81
N SER C 147 -2.33 -20.75 -48.67
CA SER C 147 -1.60 -22.01 -48.67
C SER C 147 -1.12 -22.39 -50.07
N GLY C 148 -1.77 -21.89 -51.11
CA GLY C 148 -1.38 -22.19 -52.47
C GLY C 148 -1.70 -23.62 -52.88
N GLY C 149 -2.94 -24.05 -52.61
CA GLY C 149 -3.40 -25.37 -52.95
C GLY C 149 -3.13 -26.43 -51.91
N LEU C 150 -2.24 -26.17 -50.96
CA LEU C 150 -1.99 -27.11 -49.88
C LEU C 150 -3.01 -26.88 -48.76
N GLN C 151 -3.34 -27.97 -48.06
CA GLN C 151 -4.40 -27.94 -47.06
C GLN C 151 -3.89 -28.59 -45.77
N ASN C 152 -3.82 -27.80 -44.70
CA ASN C 152 -3.41 -28.23 -43.39
C ASN C 152 -4.47 -27.78 -42.38
N ALA C 153 -4.24 -28.12 -41.10
CA ALA C 153 -5.20 -27.76 -40.07
C ALA C 153 -5.25 -26.24 -39.89
N GLN C 154 -6.47 -25.71 -39.75
CA GLN C 154 -6.69 -24.27 -39.67
C GLN C 154 -7.75 -23.97 -38.61
N PHE C 155 -7.57 -22.85 -37.93
CA PHE C 155 -8.49 -22.39 -36.90
C PHE C 155 -8.88 -20.95 -37.22
N GLY C 156 -10.19 -20.70 -37.35
CA GLY C 156 -10.65 -19.36 -37.71
C GLY C 156 -12.01 -19.05 -37.12
N ILE C 157 -12.33 -17.76 -37.17
CA ILE C 157 -13.61 -17.23 -36.69
C ILE C 157 -14.24 -16.41 -37.81
N ARG C 158 -15.56 -16.50 -37.94
CA ARG C 158 -16.29 -15.76 -38.97
C ARG C 158 -16.98 -14.55 -38.36
N ARG C 159 -17.35 -13.61 -39.24
CA ARG C 159 -17.88 -12.32 -38.77
C ARG C 159 -19.09 -12.51 -37.87
N ASP C 160 -19.93 -13.51 -38.17
CA ASP C 160 -21.10 -13.75 -37.33
C ASP C 160 -20.73 -14.26 -35.95
N GLY C 161 -19.50 -14.72 -35.75
CA GLY C 161 -19.07 -15.28 -34.49
C GLY C 161 -18.85 -16.78 -34.51
N THR C 162 -18.96 -17.42 -35.66
CA THR C 162 -18.80 -18.87 -35.75
C THR C 162 -17.32 -19.23 -35.72
N LEU C 163 -16.98 -20.21 -34.89
CA LEU C 163 -15.62 -20.71 -34.75
C LEU C 163 -15.43 -21.93 -35.64
N VAL C 164 -14.48 -21.87 -36.56
CA VAL C 164 -14.24 -22.91 -37.55
C VAL C 164 -12.91 -23.60 -37.23
N THR C 165 -12.86 -24.91 -37.47
CA THR C 165 -11.64 -25.68 -37.26
C THR C 165 -11.60 -26.83 -38.26
N GLY C 166 -10.38 -27.23 -38.62
CA GLY C 166 -10.16 -28.37 -39.50
C GLY C 166 -9.47 -27.96 -40.79
N TYR C 167 -9.90 -28.58 -41.90
CA TYR C 167 -9.32 -28.35 -43.21
C TYR C 167 -10.32 -27.63 -44.10
N LEU C 168 -9.86 -26.62 -44.83
CA LEU C 168 -10.71 -25.86 -45.72
C LEU C 168 -10.00 -25.63 -47.04
N SER C 169 -10.79 -25.57 -48.10
CA SER C 169 -10.33 -25.18 -49.42
C SER C 169 -10.42 -23.65 -49.55
N GLU C 170 -9.60 -23.10 -50.45
CA GLU C 170 -9.56 -21.65 -50.59
C GLU C 170 -10.93 -21.07 -50.92
N GLU C 171 -11.84 -21.88 -51.45
CA GLU C 171 -13.19 -21.39 -51.73
C GLU C 171 -13.92 -21.03 -50.44
N GLU C 172 -13.85 -21.91 -49.42
CA GLU C 172 -14.48 -21.58 -48.15
C GLU C 172 -13.69 -20.50 -47.42
N VAL C 173 -12.36 -20.56 -47.51
CA VAL C 173 -11.52 -19.52 -46.92
C VAL C 173 -11.87 -18.17 -47.53
N LEU C 174 -12.14 -18.15 -48.83
CA LEU C 174 -12.45 -16.95 -49.58
C LEU C 174 -13.95 -16.64 -49.60
N ASP C 175 -14.78 -17.42 -48.91
CA ASP C 175 -16.21 -17.20 -48.95
C ASP C 175 -16.53 -15.76 -48.56
N THR C 176 -17.42 -15.14 -49.34
CA THR C 176 -17.83 -13.76 -49.12
C THR C 176 -19.06 -13.63 -48.23
N GLU C 177 -19.68 -14.72 -47.82
CA GLU C 177 -20.84 -14.69 -46.94
C GLU C 177 -20.35 -14.96 -45.52
N ASN C 178 -20.38 -13.93 -44.68
CA ASN C 178 -19.83 -14.03 -43.33
C ASN C 178 -18.37 -14.46 -43.42
N PRO C 179 -17.53 -13.68 -44.07
CA PRO C 179 -16.13 -14.07 -44.26
C PRO C 179 -15.36 -14.08 -42.95
N PHE C 180 -14.19 -14.71 -43.00
CA PHE C 180 -13.34 -14.82 -41.83
C PHE C 180 -12.82 -13.45 -41.39
N VAL C 181 -12.79 -13.25 -40.07
CA VAL C 181 -12.19 -12.07 -39.47
C VAL C 181 -10.78 -12.36 -38.96
N GLN C 182 -10.58 -13.56 -38.41
CA GLN C 182 -9.28 -14.00 -37.91
C GLN C 182 -9.11 -15.46 -38.32
N LEU C 183 -7.95 -15.78 -38.89
CA LEU C 183 -7.69 -17.13 -39.35
C LEU C 183 -6.19 -17.36 -39.43
N LEU C 184 -5.77 -18.57 -39.08
CA LEU C 184 -4.39 -19.01 -39.25
C LEU C 184 -4.40 -20.50 -39.54
N SER C 185 -3.24 -21.00 -39.95
CA SER C 185 -3.09 -22.41 -40.32
C SER C 185 -1.90 -23.01 -39.61
N GLY C 186 -2.02 -24.29 -39.28
CA GLY C 186 -0.94 -25.03 -38.64
C GLY C 186 -0.97 -26.47 -39.08
N VAL C 187 0.02 -27.23 -38.62
CA VAL C 187 0.18 -28.64 -38.98
C VAL C 187 -0.46 -29.51 -37.91
N VAL C 188 -1.10 -30.59 -38.35
CA VAL C 188 -1.74 -31.57 -37.47
C VAL C 188 -3.03 -31.00 -36.88
N TRP C 189 -4.10 -31.80 -36.96
CA TRP C 189 -5.38 -31.50 -36.33
C TRP C 189 -5.48 -32.36 -35.06
N LEU C 190 -5.38 -31.72 -33.90
CA LEU C 190 -5.21 -32.47 -32.65
C LEU C 190 -6.51 -33.08 -32.15
N ILE C 191 -7.61 -32.33 -32.20
CA ILE C 191 -8.87 -32.76 -31.62
C ILE C 191 -10.00 -32.38 -32.58
N ARG C 192 -10.99 -33.26 -32.67
CA ARG C 192 -12.18 -33.01 -33.47
C ARG C 192 -13.41 -33.29 -32.61
N ASN C 193 -14.24 -32.27 -32.41
CA ASN C 193 -15.49 -32.40 -31.66
C ASN C 193 -15.25 -33.14 -30.34
N GLY C 194 -14.21 -32.72 -29.63
CA GLY C 194 -13.87 -33.39 -28.39
C GLY C 194 -13.28 -34.77 -28.55
N SER C 195 -12.88 -35.14 -29.76
CA SER C 195 -12.28 -36.44 -30.04
C SER C 195 -10.92 -36.24 -30.69
N ILE C 196 -9.96 -37.08 -30.29
CA ILE C 196 -8.62 -37.00 -30.85
C ILE C 196 -8.67 -37.23 -32.35
N TYR C 197 -7.94 -36.39 -33.09
CA TYR C 197 -7.88 -36.48 -34.55
C TYR C 197 -6.45 -36.61 -35.06
N ILE C 198 -5.53 -37.07 -34.21
CA ILE C 198 -4.12 -37.16 -34.62
C ILE C 198 -3.95 -38.22 -35.68
N ASN C 199 -4.52 -39.41 -35.47
CA ASN C 199 -4.38 -40.47 -36.46
C ASN C 199 -4.91 -40.02 -37.82
N GLU C 200 -6.05 -39.33 -37.83
CA GLU C 200 -6.61 -38.83 -39.08
C GLU C 200 -5.75 -37.73 -39.68
N SER C 201 -5.00 -37.01 -38.85
CA SER C 201 -4.16 -35.92 -39.35
C SER C 201 -2.87 -36.45 -39.97
N GLN C 202 -2.30 -37.52 -39.41
CA GLN C 202 -1.05 -38.05 -39.94
C GLN C 202 -1.21 -38.41 -41.41
N ALA C 203 -2.37 -38.94 -41.80
CA ALA C 203 -2.58 -39.32 -43.19
C ALA C 203 -2.86 -38.12 -44.07
N THR C 204 -3.60 -37.12 -43.56
CA THR C 204 -4.03 -36.00 -44.39
C THR C 204 -2.90 -35.01 -44.66
N GLU C 205 -2.12 -34.66 -43.64
CA GLU C 205 -1.14 -33.59 -43.76
C GLU C 205 0.27 -34.08 -44.05
N CYS C 206 0.48 -35.39 -44.20
CA CYS C 206 1.79 -35.94 -44.48
C CYS C 206 2.05 -36.07 -45.97
N ASP C 207 3.29 -35.76 -46.37
CA ASP C 207 3.77 -35.97 -47.73
C ASP C 207 4.73 -37.16 -47.75
N GLU C 208 4.82 -37.83 -48.90
CA GLU C 208 5.64 -39.02 -49.03
C GLU C 208 6.99 -38.77 -49.69
N THR C 209 7.21 -37.61 -50.31
CA THR C 209 8.52 -37.34 -50.89
C THR C 209 9.59 -37.26 -49.83
N GLN C 210 9.24 -36.71 -48.66
CA GLN C 210 10.13 -36.74 -47.52
C GLN C 210 10.16 -38.16 -46.96
N GLU C 211 11.13 -38.43 -46.08
CA GLU C 211 11.19 -39.75 -45.46
C GLU C 211 9.86 -40.08 -44.78
N THR C 212 9.60 -41.38 -44.64
CA THR C 212 8.33 -41.84 -44.09
C THR C 212 8.26 -41.68 -42.57
N GLY C 213 9.35 -41.30 -41.93
CA GLY C 213 9.40 -41.16 -40.49
C GLY C 213 9.50 -39.72 -40.05
N SER C 214 9.62 -38.80 -41.01
CA SER C 214 9.81 -37.39 -40.66
C SER C 214 8.53 -36.77 -40.11
N PHE C 215 7.37 -37.10 -40.67
CA PHE C 215 6.14 -36.52 -40.16
C PHE C 215 5.69 -37.21 -38.88
N SER C 216 5.72 -38.55 -38.87
CA SER C 216 5.30 -39.28 -37.67
C SER C 216 6.24 -39.00 -36.51
N LYS C 217 7.54 -38.86 -36.78
CA LYS C 217 8.48 -38.48 -35.73
C LYS C 217 8.15 -37.09 -35.20
N PHE C 218 7.80 -36.17 -36.10
CA PHE C 218 7.36 -34.84 -35.67
C PHE C 218 6.25 -34.94 -34.64
N VAL C 219 5.42 -35.97 -34.73
CA VAL C 219 4.34 -36.17 -33.76
C VAL C 219 4.87 -36.79 -32.48
N ASN C 220 5.86 -37.68 -32.59
CA ASN C 220 6.33 -38.43 -31.44
C ASN C 220 7.44 -37.72 -30.68
N VAL C 221 8.20 -36.84 -31.34
CA VAL C 221 9.35 -36.23 -30.68
C VAL C 221 8.88 -35.35 -29.53
N MET C 222 9.73 -35.28 -28.50
CA MET C 222 9.43 -34.52 -27.29
C MET C 222 10.05 -33.13 -27.41
N SER C 223 9.25 -32.11 -27.11
CA SER C 223 9.72 -30.73 -27.23
C SER C 223 8.68 -29.72 -26.80
N ALA C 224 9.06 -28.44 -26.79
CA ALA C 224 8.13 -27.37 -26.50
C ALA C 224 7.21 -27.15 -27.69
N ARG C 225 5.91 -26.99 -27.42
CA ARG C 225 4.93 -26.88 -28.49
C ARG C 225 3.79 -25.97 -28.04
N THR C 226 2.98 -25.54 -29.00
CA THR C 226 1.84 -24.68 -28.73
C THR C 226 0.64 -25.18 -29.54
N ALA C 227 -0.55 -24.77 -29.11
CA ALA C 227 -1.78 -25.17 -29.77
C ALA C 227 -2.83 -24.07 -29.60
N ILE C 228 -3.93 -24.21 -30.33
CA ILE C 228 -5.03 -23.26 -30.27
C ILE C 228 -6.33 -24.03 -30.48
N GLY C 229 -7.38 -23.60 -29.79
CA GLY C 229 -8.66 -24.27 -29.90
C GLY C 229 -9.75 -23.50 -29.20
N HIS C 230 -10.88 -24.18 -28.99
CA HIS C 230 -12.02 -23.59 -28.32
C HIS C 230 -12.72 -24.67 -27.50
N ASP C 231 -13.65 -24.23 -26.66
CA ASP C 231 -14.33 -25.11 -25.71
C ASP C 231 -15.81 -25.20 -26.05
N ARG C 232 -16.52 -26.02 -25.27
CA ARG C 232 -17.94 -26.25 -25.52
C ARG C 232 -18.76 -24.99 -25.35
N ASP C 233 -18.35 -24.11 -24.43
CA ASP C 233 -19.08 -22.87 -24.18
C ASP C 233 -18.83 -21.81 -25.24
N GLY C 234 -18.01 -22.09 -26.24
CA GLY C 234 -17.72 -21.11 -27.27
C GLY C 234 -16.67 -20.11 -26.86
N GLN C 235 -15.60 -20.57 -26.22
CA GLN C 235 -14.53 -19.71 -25.75
C GLN C 235 -13.21 -20.20 -26.31
N LEU C 236 -12.29 -19.27 -26.54
CA LEU C 236 -10.97 -19.61 -27.05
C LEU C 236 -10.11 -20.23 -25.96
N VAL C 237 -9.20 -21.12 -26.36
CA VAL C 237 -8.26 -21.77 -25.47
C VAL C 237 -6.89 -21.70 -26.13
N LEU C 238 -5.86 -21.45 -25.32
CA LEU C 238 -4.48 -21.37 -25.80
C LEU C 238 -3.58 -22.19 -24.90
N PHE C 239 -2.66 -22.93 -25.51
CA PHE C 239 -1.76 -23.81 -24.79
C PHE C 239 -0.32 -23.51 -25.16
N HIS C 240 0.58 -23.70 -24.21
CA HIS C 240 2.01 -23.54 -24.44
C HIS C 240 2.74 -24.41 -23.43
N ALA C 241 3.79 -25.10 -23.89
CA ALA C 241 4.59 -25.97 -23.04
C ALA C 241 6.06 -25.72 -23.32
N ASP C 242 6.83 -25.44 -22.27
CA ASP C 242 8.25 -25.26 -22.42
C ASP C 242 8.95 -26.61 -22.59
N GLY C 243 10.18 -26.56 -23.08
CA GLY C 243 10.92 -27.79 -23.30
C GLY C 243 12.02 -27.57 -24.32
N GLN C 244 12.52 -28.70 -24.84
CA GLN C 244 13.63 -28.71 -25.77
C GLN C 244 13.45 -29.86 -26.74
N THR C 245 13.95 -29.69 -27.96
CA THR C 245 13.87 -30.75 -28.97
C THR C 245 14.64 -31.97 -28.50
N GLU C 246 13.93 -33.10 -28.38
CA GLU C 246 14.50 -34.41 -28.07
C GLU C 246 14.82 -34.60 -26.59
N GLN C 247 14.86 -33.53 -25.79
CA GLN C 247 15.24 -33.64 -24.39
C GLN C 247 14.08 -33.47 -23.43
N ARG C 248 13.41 -32.32 -23.45
CA ARG C 248 12.35 -32.00 -22.50
C ARG C 248 11.13 -31.49 -23.24
N GLY C 249 9.97 -31.60 -22.58
CA GLY C 249 8.71 -31.19 -23.14
C GLY C 249 7.76 -32.37 -23.31
N ILE C 250 6.85 -32.23 -24.27
CA ILE C 250 5.86 -33.26 -24.56
C ILE C 250 5.81 -33.52 -26.05
N ASN C 251 5.19 -34.63 -26.41
CA ASN C 251 4.97 -34.96 -27.81
C ASN C 251 3.62 -34.37 -28.24
N LEU C 252 3.11 -34.81 -29.39
CA LEU C 252 1.84 -34.31 -29.87
C LEU C 252 0.66 -35.06 -29.27
N TRP C 253 0.83 -36.34 -28.94
CA TRP C 253 -0.24 -37.12 -28.33
C TRP C 253 -0.55 -36.62 -26.93
N GLU C 254 0.48 -36.43 -26.09
CA GLU C 254 0.24 -36.00 -24.72
C GLU C 254 -0.50 -34.67 -24.66
N MET C 255 -0.21 -33.76 -25.59
CA MET C 255 -0.87 -32.46 -25.56
C MET C 255 -2.38 -32.61 -25.72
N ALA C 256 -2.79 -33.30 -26.79
CA ALA C 256 -4.22 -33.44 -27.05
C ALA C 256 -4.92 -34.09 -25.87
N GLU C 257 -4.30 -35.08 -25.25
CA GLU C 257 -4.91 -35.75 -24.10
C GLU C 257 -5.08 -34.76 -22.96
N PHE C 258 -4.03 -33.99 -22.66
CA PHE C 258 -4.11 -32.99 -21.59
C PHE C 258 -5.15 -31.92 -21.91
N LEU C 259 -5.24 -31.51 -23.17
CA LEU C 259 -6.19 -30.45 -23.54
C LEU C 259 -7.63 -30.93 -23.46
N LEU C 260 -7.90 -32.15 -23.92
CA LEU C 260 -9.26 -32.68 -23.86
C LEU C 260 -9.77 -32.74 -22.42
N ARG C 261 -8.88 -33.09 -21.48
CA ARG C 261 -9.27 -33.14 -20.07
C ARG C 261 -9.79 -31.79 -19.57
N GLN C 262 -9.46 -30.69 -20.23
CA GLN C 262 -9.91 -29.36 -19.83
C GLN C 262 -11.16 -28.90 -20.58
N GLY C 263 -11.73 -29.75 -21.43
CA GLY C 263 -12.99 -29.43 -22.06
C GLY C 263 -12.88 -28.68 -23.37
N VAL C 264 -11.82 -28.91 -24.12
CA VAL C 264 -11.66 -28.30 -25.43
C VAL C 264 -12.35 -29.18 -26.46
N VAL C 265 -13.08 -28.55 -27.38
CA VAL C 265 -13.80 -29.30 -28.41
C VAL C 265 -12.87 -29.59 -29.59
N ASN C 266 -12.34 -28.53 -30.20
CA ASN C 266 -11.42 -28.66 -31.31
C ASN C 266 -10.14 -27.90 -31.00
N ALA C 267 -9.02 -28.42 -31.51
CA ALA C 267 -7.73 -27.79 -31.30
C ALA C 267 -6.80 -28.23 -32.41
N ILE C 268 -5.81 -27.38 -32.68
CA ILE C 268 -4.79 -27.65 -33.70
C ILE C 268 -3.43 -27.33 -33.09
N ASN C 269 -2.39 -27.98 -33.62
CA ASN C 269 -1.04 -27.72 -33.18
C ASN C 269 -0.45 -26.53 -33.93
N LEU C 270 0.54 -25.90 -33.30
CA LEU C 270 1.22 -24.74 -33.87
C LEU C 270 2.73 -24.92 -33.73
N ASP C 271 3.47 -23.93 -34.21
CA ASP C 271 4.92 -24.00 -34.18
C ASP C 271 5.41 -24.15 -32.75
N GLY C 272 6.54 -24.84 -32.58
CA GLY C 272 7.11 -25.08 -31.28
C GLY C 272 8.62 -25.13 -31.37
N GLY C 273 9.25 -25.40 -30.23
CA GLY C 273 10.71 -25.45 -30.16
C GLY C 273 11.29 -24.09 -29.78
N GLY C 274 11.99 -23.47 -30.73
CA GLY C 274 12.42 -22.10 -30.53
C GLY C 274 11.34 -21.07 -30.80
N SER C 275 10.30 -21.44 -31.53
CA SER C 275 9.18 -20.55 -31.76
C SER C 275 8.20 -20.53 -30.60
N ALA C 276 8.30 -21.50 -29.68
CA ALA C 276 7.43 -21.55 -28.51
C ALA C 276 7.68 -20.33 -27.63
N THR C 277 6.73 -19.40 -27.60
CA THR C 277 6.88 -18.16 -26.85
C THR C 277 5.55 -17.81 -26.20
N PHE C 278 5.60 -17.43 -24.92
CA PHE C 278 4.43 -16.99 -24.19
C PHE C 278 4.72 -15.61 -23.61
N VAL C 279 3.99 -14.59 -24.07
CA VAL C 279 4.15 -13.22 -23.61
C VAL C 279 2.89 -12.84 -22.83
N LEU C 280 3.10 -12.26 -21.64
CA LEU C 280 2.00 -11.84 -20.77
C LEU C 280 2.14 -10.34 -20.52
N ASN C 281 1.13 -9.58 -20.92
CA ASN C 281 1.13 -8.12 -20.76
C ASN C 281 2.30 -7.47 -21.49
N GLY C 282 2.76 -8.11 -22.57
CA GLY C 282 3.83 -7.55 -23.37
C GLY C 282 5.23 -7.93 -22.97
N THR C 283 5.39 -8.82 -21.99
CA THR C 283 6.70 -9.26 -21.54
C THR C 283 6.78 -10.78 -21.59
N LEU C 284 7.99 -11.28 -21.79
CA LEU C 284 8.20 -12.72 -21.92
C LEU C 284 7.95 -13.42 -20.58
N ALA C 285 7.18 -14.50 -20.62
CA ALA C 285 6.89 -15.30 -19.44
C ALA C 285 7.26 -16.76 -19.62
N SER C 286 7.76 -17.15 -20.79
CA SER C 286 8.16 -18.52 -21.06
C SER C 286 9.69 -18.63 -21.05
N TYR C 287 10.17 -19.84 -21.30
CA TYR C 287 11.60 -20.12 -21.37
C TYR C 287 11.92 -20.62 -22.78
N PRO C 288 12.45 -19.77 -23.67
CA PRO C 288 12.72 -20.22 -25.04
C PRO C 288 13.73 -21.37 -25.06
N SER C 289 13.60 -22.22 -26.07
CA SER C 289 14.51 -23.35 -26.21
C SER C 289 15.78 -22.93 -26.94
N ASP C 290 15.66 -22.02 -27.91
CA ASP C 290 16.81 -21.57 -28.65
C ASP C 290 17.84 -20.94 -27.71
N HIS C 291 19.03 -20.71 -28.23
CA HIS C 291 20.10 -20.05 -27.50
C HIS C 291 20.40 -18.69 -28.11
N CYS C 292 21.02 -17.85 -27.30
CA CYS C 292 21.49 -16.54 -27.74
C CYS C 292 22.88 -16.67 -28.37
N GLN C 293 23.31 -15.59 -29.02
CA GLN C 293 24.68 -15.54 -29.49
C GLN C 293 25.66 -15.79 -28.35
N ASP C 294 25.29 -15.39 -27.14
CA ASP C 294 26.07 -15.72 -25.95
C ASP C 294 26.08 -17.22 -25.65
N ASN C 295 25.12 -17.98 -26.21
CA ASN C 295 25.03 -19.43 -26.15
C ASN C 295 24.39 -19.98 -24.86
N MET C 296 24.90 -19.58 -23.69
CA MET C 296 24.34 -20.10 -22.46
C MET C 296 22.89 -19.69 -22.29
N TRP C 297 22.56 -18.49 -22.71
CA TRP C 297 21.24 -17.95 -22.45
C TRP C 297 20.27 -18.38 -23.54
N ARG C 298 19.00 -18.36 -23.19
CA ARG C 298 17.93 -18.70 -24.11
C ARG C 298 17.34 -17.40 -24.64
N CYS C 299 17.21 -17.31 -25.96
CA CYS C 299 16.69 -16.10 -26.56
C CYS C 299 15.41 -16.42 -27.34
N PRO C 300 14.38 -15.58 -27.23
CA PRO C 300 13.17 -15.79 -28.04
C PRO C 300 13.49 -15.69 -29.52
N ARG C 301 12.72 -16.44 -30.31
CA ARG C 301 12.89 -16.50 -31.75
C ARG C 301 12.03 -15.44 -32.42
N ARG C 302 12.52 -14.94 -33.55
CA ARG C 302 11.74 -14.03 -34.38
C ARG C 302 10.78 -14.84 -35.24
N VAL C 303 9.48 -14.66 -35.00
CA VAL C 303 8.46 -15.51 -35.58
C VAL C 303 7.68 -14.70 -36.61
N SER C 304 6.81 -15.39 -37.35
CA SER C 304 5.93 -14.74 -38.33
C SER C 304 4.65 -14.28 -37.65
N THR C 305 3.56 -15.02 -37.84
CA THR C 305 2.28 -14.62 -37.30
C THR C 305 2.22 -14.88 -35.79
N VAL C 306 1.43 -14.07 -35.10
CA VAL C 306 1.28 -14.15 -33.65
C VAL C 306 -0.19 -14.24 -33.29
N VAL C 307 -0.49 -14.95 -32.22
CA VAL C 307 -1.83 -15.07 -31.68
C VAL C 307 -1.92 -14.14 -30.47
N CYS C 308 -2.90 -13.25 -30.47
CA CYS C 308 -3.02 -12.19 -29.48
C CYS C 308 -4.39 -12.21 -28.85
N VAL C 309 -4.44 -11.89 -27.56
CA VAL C 309 -5.70 -11.77 -26.81
C VAL C 309 -5.58 -10.53 -25.92
N HIS C 310 -6.56 -9.64 -26.02
CA HIS C 310 -6.48 -8.37 -25.30
C HIS C 310 -7.88 -7.88 -24.95
N GLU C 311 -7.95 -6.65 -24.43
CA GLU C 311 -9.16 -6.00 -23.97
C GLU C 311 -9.03 -4.51 -24.26
N PRO C 312 -8.93 -4.13 -25.54
CA PRO C 312 -8.59 -2.76 -25.98
C PRO C 312 -9.36 -1.66 -25.24
N ALA D 15 -3.45 -16.40 -2.19
CA ALA D 15 -4.05 -17.28 -3.20
C ALA D 15 -3.49 -18.69 -3.07
N SER D 16 -2.22 -18.79 -2.70
CA SER D 16 -1.54 -20.07 -2.61
C SER D 16 -1.91 -20.80 -1.33
N ARG D 17 -1.64 -22.11 -1.33
CA ARG D 17 -1.78 -22.97 -0.16
C ARG D 17 -0.54 -22.98 0.72
N ASP D 18 0.56 -22.40 0.25
CA ASP D 18 1.82 -22.36 1.01
C ASP D 18 2.29 -23.77 1.32
N ASP D 19 2.30 -24.62 0.28
CA ASP D 19 2.69 -26.01 0.44
C ASP D 19 4.21 -26.17 0.35
N ASP D 20 4.82 -25.57 -0.68
CA ASP D 20 6.26 -25.70 -0.89
C ASP D 20 6.97 -24.81 0.13
N LEU D 21 7.29 -25.39 1.27
CA LEU D 21 7.93 -24.67 2.37
C LEU D 21 9.38 -25.11 2.49
N LEU D 22 10.29 -24.14 2.50
CA LEU D 22 11.71 -24.34 2.78
C LEU D 22 12.03 -23.49 3.99
N VAL D 23 12.08 -24.10 5.16
CA VAL D 23 12.20 -23.38 6.43
C VAL D 23 13.61 -23.65 6.97
N PRO D 24 14.42 -22.62 7.23
CA PRO D 24 15.70 -22.87 7.90
C PRO D 24 15.54 -23.31 9.34
N TYR D 25 14.52 -22.81 10.03
CA TYR D 25 14.28 -23.17 11.43
C TYR D 25 12.78 -23.38 11.61
N PRO D 26 12.30 -24.63 11.65
CA PRO D 26 10.88 -24.87 11.88
C PRO D 26 10.38 -24.34 13.22
N ARG D 27 11.26 -24.20 14.21
CA ARG D 27 10.90 -23.67 15.52
C ARG D 27 11.35 -22.22 15.59
N ALA D 28 10.38 -21.30 15.73
CA ALA D 28 10.68 -19.89 15.69
C ALA D 28 11.56 -19.49 16.86
N ARG D 29 12.69 -18.85 16.57
CA ARG D 29 13.60 -18.39 17.59
C ARG D 29 13.14 -17.05 18.15
N LEU D 30 13.27 -16.88 19.46
CA LEU D 30 12.86 -15.65 20.11
C LEU D 30 14.06 -14.71 20.19
N ARG D 31 13.83 -13.45 19.87
CA ARG D 31 14.90 -12.47 19.82
C ARG D 31 14.91 -11.57 21.05
N LEU D 44 32.81 -15.30 10.77
CA LEU D 44 31.90 -14.31 11.33
C LEU D 44 32.55 -12.93 11.21
N LYS D 45 32.17 -12.20 10.16
CA LYS D 45 32.78 -10.92 9.76
C LYS D 45 31.97 -10.43 8.55
N HIS D 46 32.27 -9.21 8.11
CA HIS D 46 31.57 -8.62 6.98
C HIS D 46 32.57 -8.11 5.96
N GLU D 47 32.10 -8.01 4.71
CA GLU D 47 32.87 -7.47 3.61
C GLU D 47 32.29 -6.14 3.16
N ASN D 48 33.16 -5.19 2.81
CA ASN D 48 32.73 -3.89 2.33
C ASN D 48 33.55 -3.51 1.10
N TRP D 49 32.88 -3.05 0.06
CA TRP D 49 33.54 -2.63 -1.18
C TRP D 49 33.26 -1.15 -1.43
N PRO D 50 34.25 -0.26 -1.40
CA PRO D 50 33.97 1.16 -1.62
C PRO D 50 33.33 1.39 -2.98
N PRO D 51 32.75 2.57 -3.20
CA PRO D 51 32.10 2.84 -4.48
C PRO D 51 33.06 3.50 -5.46
N PRO D 52 33.46 2.80 -6.53
CA PRO D 52 34.30 3.45 -7.53
C PRO D 52 33.51 4.50 -8.30
N PRO D 53 34.16 5.60 -8.70
CA PRO D 53 33.45 6.59 -9.52
C PRO D 53 33.61 6.30 -11.00
N ALA D 54 32.50 6.21 -11.73
CA ALA D 54 32.57 5.98 -13.18
C ALA D 54 31.96 7.15 -13.94
N ALA D 58 26.38 3.84 -16.11
CA ALA D 58 25.77 4.44 -17.28
C ALA D 58 25.30 3.36 -18.26
N GLY D 59 25.05 2.15 -17.76
CA GLY D 59 24.52 1.10 -18.59
C GLY D 59 23.18 0.59 -18.09
N PRO D 60 22.42 -0.05 -18.98
CA PRO D 60 21.12 -0.58 -18.61
C PRO D 60 21.25 -1.93 -17.93
N PRO D 61 20.19 -2.41 -17.26
CA PRO D 61 20.25 -3.75 -16.67
C PRO D 61 20.39 -4.81 -17.74
N ALA D 62 20.89 -5.98 -17.34
CA ALA D 62 21.11 -7.11 -18.23
C ALA D 62 20.34 -8.31 -17.71
N VAL D 63 19.20 -8.62 -18.33
CA VAL D 63 18.38 -9.76 -17.95
C VAL D 63 18.74 -10.94 -18.83
N ARG D 64 19.05 -12.08 -18.20
CA ARG D 64 19.48 -13.28 -18.92
C ARG D 64 18.66 -14.46 -18.42
N THR D 65 17.84 -15.03 -19.31
CA THR D 65 17.13 -16.26 -19.03
C THR D 65 18.03 -17.45 -19.34
N PHE D 66 17.79 -18.56 -18.64
CA PHE D 66 18.59 -19.76 -18.84
C PHE D 66 17.81 -21.01 -18.47
N VAL D 67 18.18 -22.12 -19.10
CA VAL D 67 17.75 -23.45 -18.68
C VAL D 67 18.98 -24.35 -18.76
N SER D 68 19.72 -24.47 -17.67
CA SER D 68 20.99 -25.16 -17.66
C SER D 68 20.93 -26.40 -16.78
N HIS D 69 21.95 -27.23 -16.92
CA HIS D 69 22.06 -28.49 -16.20
C HIS D 69 22.97 -28.34 -14.99
N PHE D 70 22.50 -28.78 -13.83
CA PHE D 70 23.27 -28.82 -12.60
C PHE D 70 23.31 -30.27 -12.16
N GLY D 71 24.51 -30.86 -12.16
CA GLY D 71 24.62 -32.27 -11.80
C GLY D 71 23.69 -33.16 -12.59
N GLY D 72 23.48 -32.85 -13.86
CA GLY D 72 22.59 -33.66 -14.68
C GLY D 72 21.12 -33.34 -14.53
N ARG D 73 20.79 -32.17 -14.00
CA ARG D 73 19.41 -31.77 -13.75
C ARG D 73 19.11 -30.45 -14.45
N ALA D 74 18.03 -30.42 -15.23
CA ALA D 74 17.62 -29.20 -15.92
C ALA D 74 16.68 -28.39 -15.05
N VAL D 75 16.98 -27.11 -14.90
CA VAL D 75 16.17 -26.20 -14.09
C VAL D 75 16.08 -24.86 -14.81
N SER D 76 14.93 -24.22 -14.71
CA SER D 76 14.70 -22.93 -15.36
C SER D 76 14.91 -21.80 -14.36
N GLY D 77 15.39 -20.67 -14.86
CA GLY D 77 15.63 -19.55 -13.98
C GLY D 77 15.99 -18.30 -14.78
N HIS D 78 16.41 -17.28 -14.03
CA HIS D 78 16.81 -16.00 -14.61
C HIS D 78 18.01 -15.46 -13.86
N LEU D 79 18.87 -14.74 -14.57
CA LEU D 79 20.01 -14.06 -13.97
C LEU D 79 19.98 -12.61 -14.40
N THR D 80 20.12 -11.71 -13.42
CA THR D 80 20.03 -10.27 -13.66
C THR D 80 21.23 -9.58 -13.05
N ARG D 81 21.60 -8.44 -13.64
CA ARG D 81 22.71 -7.63 -13.17
C ARG D 81 22.38 -6.17 -13.43
N ALA D 82 22.76 -5.28 -12.52
CA ALA D 82 22.43 -3.87 -12.63
C ALA D 82 23.57 -3.01 -12.13
N ALA D 83 23.81 -1.91 -12.84
CA ALA D 83 24.76 -0.89 -12.43
C ALA D 83 24.06 0.18 -11.60
N ALA D 84 24.87 0.96 -10.88
CA ALA D 84 24.36 2.02 -10.00
C ALA D 84 23.44 1.43 -8.95
N PRO D 85 23.93 0.50 -8.11
CA PRO D 85 23.05 -0.05 -7.07
C PRO D 85 22.47 1.00 -6.14
N LEU D 86 23.26 2.03 -5.83
CA LEU D 86 22.77 3.11 -4.98
C LEU D 86 21.61 3.86 -5.61
N ARG D 87 21.45 3.75 -6.93
CA ARG D 87 20.40 4.47 -7.65
C ARG D 87 19.34 3.56 -8.25
N THR D 88 19.64 2.28 -8.45
CA THR D 88 18.72 1.34 -9.07
C THR D 88 18.27 0.23 -8.13
N PHE D 89 18.85 0.11 -6.94
CA PHE D 89 18.52 -0.95 -6.01
C PHE D 89 17.60 -0.43 -4.92
N SER D 90 16.70 -1.30 -4.45
CA SER D 90 15.75 -0.90 -3.44
C SER D 90 15.20 -2.15 -2.75
N VAL D 91 14.96 -2.04 -1.45
CA VAL D 91 14.32 -3.07 -0.66
C VAL D 91 12.93 -2.58 -0.31
N LEU D 92 11.91 -3.41 -0.61
CA LEU D 92 10.54 -3.00 -0.46
C LEU D 92 9.85 -3.77 0.65
N GLU D 93 8.79 -3.18 1.17
CA GLU D 93 7.91 -3.77 2.18
C GLU D 93 6.65 -4.30 1.52
N PRO D 94 5.99 -5.28 2.13
CA PRO D 94 4.76 -5.82 1.52
C PRO D 94 3.67 -4.76 1.47
N GLY D 95 3.21 -4.47 0.26
CA GLY D 95 2.15 -3.50 0.07
C GLY D 95 2.57 -2.06 0.21
N GLY D 96 3.86 -1.77 0.16
CA GLY D 96 4.34 -0.42 0.26
C GLY D 96 4.98 -0.15 1.62
N PRO D 97 5.42 1.08 1.84
CA PRO D 97 6.04 1.42 3.13
C PRO D 97 5.12 1.09 4.30
N GLY D 98 5.73 0.63 5.40
CA GLY D 98 4.98 0.25 6.57
C GLY D 98 4.39 -1.14 6.52
N GLY D 99 4.79 -1.97 5.57
CA GLY D 99 4.22 -3.30 5.46
C GLY D 99 4.57 -4.19 6.64
N CYS D 100 5.85 -4.21 7.03
CA CYS D 100 6.27 -5.05 8.14
C CYS D 100 5.67 -4.57 9.47
N SER D 101 5.53 -3.26 9.64
CA SER D 101 5.00 -2.74 10.89
C SER D 101 3.60 -3.27 11.16
N GLN D 102 2.82 -3.51 10.12
CA GLN D 102 1.48 -4.06 10.26
C GLN D 102 1.42 -5.55 9.95
N LYS D 103 2.57 -6.23 9.84
CA LYS D 103 2.62 -7.65 9.52
C LYS D 103 1.79 -7.97 8.28
N ARG D 104 2.13 -7.29 7.19
CA ARG D 104 1.41 -7.41 5.94
C ARG D 104 2.06 -8.46 5.04
N ARG D 105 1.25 -9.03 4.15
CA ARG D 105 1.74 -10.00 3.18
C ARG D 105 1.11 -9.70 1.82
N ALA D 106 1.95 -9.58 0.80
CA ALA D 106 1.51 -9.27 -0.54
C ALA D 106 2.38 -9.99 -1.55
N THR D 107 1.84 -10.22 -2.74
CA THR D 107 2.58 -10.90 -3.78
C THR D 107 3.63 -9.97 -4.37
N VAL D 108 4.73 -10.56 -4.84
CA VAL D 108 5.82 -9.77 -5.41
C VAL D 108 5.30 -8.90 -6.54
N GLU D 109 4.40 -9.43 -7.37
CA GLU D 109 3.86 -8.63 -8.47
C GLU D 109 3.12 -7.42 -7.94
N GLU D 110 2.26 -7.60 -6.94
CA GLU D 110 1.51 -6.48 -6.39
C GLU D 110 2.45 -5.37 -5.92
N THR D 111 3.48 -5.74 -5.16
CA THR D 111 4.41 -4.74 -4.66
C THR D 111 5.25 -4.15 -5.80
N ALA D 112 5.66 -5.00 -6.75
CA ALA D 112 6.46 -4.51 -7.87
C ALA D 112 5.60 -3.71 -8.85
N GLN D 113 4.41 -4.20 -9.15
CA GLN D 113 3.52 -3.48 -10.06
C GLN D 113 3.19 -2.10 -9.51
N ALA D 114 2.97 -2.00 -8.20
CA ALA D 114 2.69 -0.71 -7.58
C ALA D 114 3.94 0.16 -7.56
N ALA D 115 5.11 -0.45 -7.41
CA ALA D 115 6.37 0.27 -7.36
C ALA D 115 6.98 0.49 -8.75
N ALA D 116 6.36 -0.04 -9.80
CA ALA D 116 6.83 0.12 -11.17
C ALA D 116 8.30 -0.31 -11.30
N CYS D 117 8.55 -1.55 -10.90
CA CYS D 117 9.89 -2.13 -10.95
C CYS D 117 10.08 -2.88 -12.26
N ARG D 118 11.19 -2.63 -12.93
CA ARG D 118 11.52 -3.37 -14.14
C ARG D 118 11.74 -4.84 -13.81
N ILE D 119 12.51 -5.11 -12.76
CA ILE D 119 12.84 -6.46 -12.34
C ILE D 119 12.67 -6.51 -10.83
N ALA D 120 11.92 -7.49 -10.34
CA ALA D 120 11.65 -7.59 -8.91
C ALA D 120 11.52 -9.06 -8.53
N GLN D 121 11.93 -9.37 -7.31
CA GLN D 121 11.80 -10.71 -6.77
C GLN D 121 11.67 -10.63 -5.25
N ASN D 122 11.13 -11.70 -4.68
CA ASN D 122 10.96 -11.80 -3.24
C ASN D 122 12.28 -11.53 -2.51
N GLY D 123 12.21 -11.18 -1.24
CA GLY D 123 13.40 -10.85 -0.48
C GLY D 123 13.57 -11.67 0.78
N GLY D 124 13.68 -10.99 1.92
CA GLY D 124 13.93 -11.65 3.19
C GLY D 124 12.85 -12.65 3.58
N PHE D 125 13.05 -13.30 4.72
CA PHE D 125 12.11 -14.28 5.24
C PHE D 125 11.04 -13.59 6.07
N PHE D 126 10.05 -14.37 6.49
CA PHE D 126 8.91 -13.81 7.23
C PHE D 126 8.22 -14.92 8.00
N ARG D 127 7.25 -14.51 8.82
CA ARG D 127 6.44 -15.44 9.61
C ARG D 127 5.16 -15.78 8.84
N MET D 128 4.98 -17.06 8.52
CA MET D 128 3.85 -17.46 7.70
C MET D 128 2.53 -17.20 8.42
N ASN D 129 2.45 -17.57 9.70
CA ASN D 129 1.19 -17.45 10.41
C ASN D 129 0.85 -15.99 10.72
N THR D 130 1.81 -15.23 11.24
CA THR D 130 1.59 -13.85 11.62
C THR D 130 1.85 -12.87 10.48
N GLY D 131 2.92 -13.06 9.73
CA GLY D 131 3.31 -12.15 8.68
C GLY D 131 4.44 -11.21 9.02
N GLU D 132 5.12 -11.43 10.15
CA GLU D 132 6.21 -10.55 10.54
C GLU D 132 7.40 -10.73 9.61
N CYS D 133 8.19 -9.68 9.49
CA CYS D 133 9.41 -9.70 8.69
C CYS D 133 10.59 -10.11 9.57
N LEU D 134 11.30 -11.15 9.15
CA LEU D 134 12.41 -11.70 9.93
C LEU D 134 13.73 -11.12 9.47
N GLY D 135 14.60 -10.82 10.42
CA GLY D 135 15.93 -10.34 10.12
C GLY D 135 16.00 -8.84 9.90
N ASN D 136 17.23 -8.35 9.81
CA ASN D 136 17.47 -6.92 9.60
C ASN D 136 16.91 -6.50 8.24
N VAL D 137 16.28 -5.34 8.21
CA VAL D 137 15.68 -4.81 6.98
C VAL D 137 15.76 -3.29 7.01
N VAL D 138 16.27 -2.71 5.92
CA VAL D 138 16.30 -1.26 5.73
C VAL D 138 15.68 -0.97 4.37
N SER D 139 14.62 -0.17 4.37
CA SER D 139 13.89 0.18 3.15
C SER D 139 13.95 1.68 2.97
N ASP D 140 14.75 2.14 2.01
CA ASP D 140 14.88 3.55 1.69
C ASP D 140 15.47 4.33 2.88
N GLY D 141 16.49 3.75 3.51
CA GLY D 141 17.14 4.40 4.62
C GLY D 141 16.45 4.27 5.95
N ARG D 142 15.38 3.48 6.03
CA ARG D 142 14.58 3.33 7.24
C ARG D 142 14.66 1.88 7.71
N ARG D 143 15.05 1.70 8.97
CA ARG D 143 15.06 0.36 9.54
C ARG D 143 13.62 -0.08 9.77
N VAL D 144 13.23 -1.18 9.12
CA VAL D 144 11.88 -1.66 9.20
C VAL D 144 11.74 -2.88 10.11
N SER D 145 12.79 -3.70 10.21
CA SER D 145 12.79 -4.85 11.09
C SER D 145 14.20 -5.01 11.65
N SER D 146 14.28 -5.63 12.82
CA SER D 146 15.55 -5.86 13.49
C SER D 146 15.73 -7.35 13.77
N SER D 147 17.00 -7.77 13.80
CA SER D 147 17.28 -9.16 14.11
C SER D 147 17.07 -9.46 15.58
N GLY D 148 17.20 -8.46 16.44
CA GLY D 148 16.98 -8.64 17.86
C GLY D 148 18.04 -9.48 18.52
N GLY D 149 19.31 -9.16 18.26
CA GLY D 149 20.43 -9.88 18.83
C GLY D 149 20.90 -11.09 18.04
N LEU D 150 20.09 -11.57 17.09
CA LEU D 150 20.51 -12.67 16.24
C LEU D 150 21.30 -12.13 15.06
N GLN D 151 22.21 -12.95 14.55
CA GLN D 151 23.14 -12.55 13.50
C GLN D 151 23.11 -13.58 12.38
N ASN D 152 22.65 -13.16 11.20
CA ASN D 152 22.61 -13.99 10.01
C ASN D 152 23.24 -13.22 8.86
N ALA D 153 23.29 -13.85 7.69
CA ALA D 153 23.88 -13.20 6.53
C ALA D 153 23.00 -12.03 6.09
N GLN D 154 23.65 -10.91 5.77
CA GLN D 154 22.96 -9.68 5.42
C GLN D 154 23.65 -9.01 4.24
N PHE D 155 22.86 -8.39 3.37
CA PHE D 155 23.38 -7.65 2.22
C PHE D 155 22.77 -6.25 2.24
N GLY D 156 23.63 -5.23 2.26
CA GLY D 156 23.16 -3.87 2.33
C GLY D 156 24.11 -2.91 1.65
N ILE D 157 23.62 -1.69 1.43
CA ILE D 157 24.40 -0.62 0.82
C ILE D 157 24.39 0.58 1.75
N ARG D 158 25.54 1.26 1.83
CA ARG D 158 25.70 2.44 2.66
C ARG D 158 25.65 3.70 1.80
N ARG D 159 25.39 4.84 2.45
CA ARG D 159 25.12 6.07 1.72
C ARG D 159 26.25 6.44 0.76
N ASP D 160 27.50 6.18 1.13
CA ASP D 160 28.58 6.54 0.24
C ASP D 160 28.55 5.73 -1.05
N GLY D 161 27.81 4.62 -1.06
CA GLY D 161 27.75 3.71 -2.18
C GLY D 161 28.42 2.38 -1.92
N THR D 162 28.89 2.14 -0.70
CA THR D 162 29.57 0.89 -0.37
C THR D 162 28.55 -0.21 -0.14
N LEU D 163 28.80 -1.37 -0.78
CA LEU D 163 27.96 -2.55 -0.62
C LEU D 163 28.60 -3.46 0.41
N VAL D 164 27.85 -3.75 1.47
CA VAL D 164 28.35 -4.55 2.58
C VAL D 164 27.64 -5.90 2.56
N THR D 165 28.38 -6.95 2.95
CA THR D 165 27.83 -8.29 3.03
C THR D 165 28.50 -9.01 4.18
N GLY D 166 27.76 -9.91 4.82
CA GLY D 166 28.26 -10.73 5.90
C GLY D 166 27.51 -10.44 7.19
N TYR D 167 28.25 -10.39 8.30
CA TYR D 167 27.69 -10.19 9.62
C TYR D 167 28.14 -8.85 10.17
N LEU D 168 27.20 -8.09 10.74
CA LEU D 168 27.49 -6.77 11.26
C LEU D 168 26.79 -6.59 12.61
N SER D 169 27.38 -5.73 13.44
CA SER D 169 26.79 -5.38 14.73
C SER D 169 25.80 -4.23 14.59
N GLU D 170 24.82 -4.19 15.50
CA GLU D 170 23.78 -3.17 15.46
C GLU D 170 24.34 -1.77 15.61
N GLU D 171 25.53 -1.62 16.20
CA GLU D 171 26.12 -0.28 16.32
C GLU D 171 26.43 0.30 14.94
N GLU D 172 26.98 -0.52 14.05
CA GLU D 172 27.21 -0.05 12.68
C GLU D 172 25.89 0.13 11.94
N VAL D 173 24.90 -0.72 12.23
CA VAL D 173 23.58 -0.55 11.64
C VAL D 173 23.06 0.84 11.94
N LEU D 174 23.28 1.31 13.17
CA LEU D 174 22.85 2.63 13.61
C LEU D 174 23.90 3.70 13.36
N ASP D 175 25.03 3.34 12.74
CA ASP D 175 26.08 4.32 12.48
C ASP D 175 25.54 5.49 11.67
N THR D 176 25.92 6.70 12.07
CA THR D 176 25.54 7.90 11.34
C THR D 176 26.58 8.27 10.28
N GLU D 177 27.70 7.55 10.23
CA GLU D 177 28.75 7.76 9.24
C GLU D 177 28.55 6.72 8.14
N ASN D 178 28.15 7.18 6.97
CA ASN D 178 27.84 6.27 5.88
C ASN D 178 26.79 5.25 6.34
N PRO D 179 25.62 5.71 6.77
CA PRO D 179 24.60 4.78 7.29
C PRO D 179 24.01 3.93 6.19
N PHE D 180 23.29 2.90 6.60
CA PHE D 180 22.63 2.00 5.66
C PHE D 180 21.55 2.74 4.89
N VAL D 181 21.49 2.50 3.58
CA VAL D 181 20.43 3.01 2.74
C VAL D 181 19.41 1.92 2.40
N GLN D 182 19.89 0.72 2.09
CA GLN D 182 19.04 -0.42 1.77
C GLN D 182 19.68 -1.67 2.37
N LEU D 183 18.89 -2.49 3.05
CA LEU D 183 19.43 -3.68 3.68
C LEU D 183 18.32 -4.72 3.86
N LEU D 184 18.71 -5.97 3.69
CA LEU D 184 17.86 -7.11 4.01
C LEU D 184 18.77 -8.23 4.48
N SER D 185 18.18 -9.25 5.07
CA SER D 185 18.92 -10.35 5.65
C SER D 185 18.36 -11.68 5.18
N GLY D 186 19.24 -12.67 5.08
CA GLY D 186 18.87 -14.01 4.71
C GLY D 186 19.75 -15.00 5.44
N VAL D 187 19.47 -16.28 5.23
CA VAL D 187 20.19 -17.35 5.91
C VAL D 187 21.32 -17.82 5.01
N VAL D 188 22.46 -18.14 5.62
CA VAL D 188 23.63 -18.66 4.92
C VAL D 188 24.30 -17.57 4.10
N TRP D 189 25.63 -17.46 4.25
CA TRP D 189 26.46 -16.59 3.42
C TRP D 189 27.15 -17.48 2.38
N LEU D 190 26.73 -17.34 1.12
CA LEU D 190 27.12 -18.32 0.11
C LEU D 190 28.57 -18.14 -0.33
N ILE D 191 29.03 -16.91 -0.54
CA ILE D 191 30.35 -16.66 -1.09
C ILE D 191 30.99 -15.49 -0.35
N ARG D 192 32.30 -15.60 -0.10
CA ARG D 192 33.09 -14.52 0.46
C ARG D 192 34.37 -14.37 -0.35
N ASN D 193 34.59 -13.16 -0.88
CA ASN D 193 35.82 -12.84 -1.62
C ASN D 193 36.11 -13.86 -2.70
N GLY D 194 35.08 -14.20 -3.48
CA GLY D 194 35.23 -15.13 -4.58
C GLY D 194 35.44 -16.57 -4.17
N SER D 195 35.23 -16.91 -2.90
CA SER D 195 35.39 -18.27 -2.41
C SER D 195 34.10 -18.70 -1.72
N ILE D 196 33.73 -19.97 -1.92
CA ILE D 196 32.53 -20.48 -1.27
C ILE D 196 32.69 -20.36 0.24
N TYR D 197 31.63 -19.87 0.89
CA TYR D 197 31.62 -19.62 2.33
C TYR D 197 30.51 -20.38 3.02
N ILE D 198 30.00 -21.45 2.39
CA ILE D 198 28.86 -22.18 2.95
C ILE D 198 29.27 -22.93 4.21
N ASN D 199 30.38 -23.68 4.15
CA ASN D 199 30.80 -24.45 5.33
C ASN D 199 31.04 -23.53 6.52
N GLU D 200 31.72 -22.41 6.32
CA GLU D 200 31.95 -21.48 7.41
C GLU D 200 30.65 -20.78 7.82
N SER D 201 29.73 -20.60 6.88
CA SER D 201 28.47 -19.93 7.17
C SER D 201 27.47 -20.89 7.80
N GLN D 202 27.46 -22.14 7.36
CA GLN D 202 26.51 -23.13 7.88
C GLN D 202 26.63 -23.27 9.39
N ALA D 203 27.83 -23.16 9.94
CA ALA D 203 28.03 -23.34 11.37
C ALA D 203 27.50 -22.17 12.18
N THR D 204 27.64 -20.95 11.66
CA THR D 204 27.28 -19.77 12.44
C THR D 204 25.78 -19.61 12.56
N GLU D 205 25.03 -19.84 11.49
CA GLU D 205 23.61 -19.52 11.49
C GLU D 205 22.74 -20.71 11.87
N CYS D 206 23.32 -21.87 12.15
CA CYS D 206 22.57 -23.02 12.62
C CYS D 206 22.53 -23.06 14.14
N ASP D 207 21.37 -23.36 14.70
CA ASP D 207 21.20 -23.60 16.11
C ASP D 207 20.87 -25.08 16.33
N GLU D 208 21.17 -25.56 17.53
CA GLU D 208 20.92 -26.95 17.90
C GLU D 208 19.60 -27.15 18.63
N THR D 209 18.95 -26.07 19.05
CA THR D 209 17.63 -26.19 19.66
C THR D 209 16.65 -26.76 18.65
N GLN D 210 16.82 -26.42 17.37
CA GLN D 210 16.07 -27.03 16.30
C GLN D 210 16.53 -28.46 16.07
N GLU D 211 15.80 -29.18 15.24
CA GLU D 211 16.16 -30.56 14.92
C GLU D 211 17.59 -30.62 14.43
N THR D 212 18.24 -31.78 14.57
CA THR D 212 19.65 -31.91 14.25
C THR D 212 19.93 -32.00 12.74
N GLY D 213 18.90 -32.17 11.91
CA GLY D 213 19.09 -32.30 10.48
C GLY D 213 18.47 -31.20 9.63
N SER D 214 17.74 -30.28 10.27
CA SER D 214 16.92 -29.34 9.50
C SER D 214 17.73 -28.25 8.80
N PHE D 215 18.77 -27.71 9.45
CA PHE D 215 19.48 -26.60 8.82
C PHE D 215 20.42 -27.10 7.72
N SER D 216 21.20 -28.15 7.99
CA SER D 216 22.09 -28.68 6.96
C SER D 216 21.29 -29.22 5.78
N LYS D 217 20.13 -29.82 6.06
CA LYS D 217 19.25 -30.25 4.97
C LYS D 217 18.75 -29.05 4.17
N PHE D 218 18.37 -27.97 4.86
CA PHE D 218 17.93 -26.76 4.16
C PHE D 218 18.97 -26.31 3.15
N VAL D 219 20.25 -26.54 3.44
CA VAL D 219 21.31 -26.16 2.52
C VAL D 219 21.45 -27.18 1.40
N ASN D 220 21.30 -28.47 1.72
CA ASN D 220 21.55 -29.54 0.75
C ASN D 220 20.33 -29.90 -0.07
N VAL D 221 19.12 -29.70 0.46
CA VAL D 221 17.92 -30.15 -0.24
C VAL D 221 17.76 -29.40 -1.55
N MET D 222 17.13 -30.07 -2.51
CA MET D 222 16.94 -29.55 -3.87
C MET D 222 15.63 -28.79 -3.93
N SER D 223 15.65 -27.59 -4.50
CA SER D 223 14.44 -26.77 -4.55
C SER D 223 14.72 -25.49 -5.33
N ALA D 224 13.64 -24.74 -5.55
CA ALA D 224 13.73 -23.42 -6.18
C ALA D 224 14.28 -22.42 -5.16
N ARG D 225 15.22 -21.60 -5.59
CA ARG D 225 15.88 -20.69 -4.66
C ARG D 225 16.27 -19.40 -5.37
N THR D 226 16.60 -18.40 -4.58
CA THR D 226 17.00 -17.09 -5.07
C THR D 226 18.23 -16.61 -4.28
N ALA D 227 18.93 -15.63 -4.85
CA ALA D 227 20.12 -15.09 -4.19
C ALA D 227 20.31 -13.63 -4.57
N ILE D 228 21.23 -12.98 -3.87
CA ILE D 228 21.59 -11.59 -4.11
C ILE D 228 23.07 -11.42 -3.78
N GLY D 229 23.75 -10.57 -4.55
CA GLY D 229 25.16 -10.36 -4.32
C GLY D 229 25.68 -9.20 -5.13
N HIS D 230 27.01 -9.13 -5.21
CA HIS D 230 27.68 -8.07 -5.96
C HIS D 230 28.96 -8.62 -6.56
N ASP D 231 29.54 -7.86 -7.48
CA ASP D 231 30.73 -8.24 -8.23
C ASP D 231 31.87 -7.28 -7.93
N ARG D 232 33.04 -7.57 -8.51
CA ARG D 232 34.22 -6.74 -8.28
C ARG D 232 34.04 -5.35 -8.86
N ASP D 233 33.33 -5.23 -9.98
CA ASP D 233 33.13 -3.95 -10.65
C ASP D 233 32.09 -3.07 -9.99
N GLY D 234 31.46 -3.52 -8.91
CA GLY D 234 30.46 -2.70 -8.25
C GLY D 234 29.08 -2.76 -8.87
N GLN D 235 28.60 -3.96 -9.21
CA GLN D 235 27.30 -4.14 -9.80
C GLN D 235 26.47 -5.11 -8.97
N LEU D 236 25.16 -4.89 -8.96
CA LEU D 236 24.23 -5.77 -8.27
C LEU D 236 24.02 -7.04 -9.09
N VAL D 237 23.75 -8.15 -8.40
CA VAL D 237 23.47 -9.43 -9.05
C VAL D 237 22.25 -10.04 -8.40
N LEU D 238 21.38 -10.62 -9.22
CA LEU D 238 20.17 -11.29 -8.74
C LEU D 238 20.02 -12.63 -9.45
N PHE D 239 19.63 -13.64 -8.67
CA PHE D 239 19.49 -15.01 -9.19
C PHE D 239 18.11 -15.55 -8.85
N HIS D 240 17.63 -16.44 -9.71
CA HIS D 240 16.34 -17.09 -9.55
C HIS D 240 16.37 -18.46 -10.20
N ALA D 241 15.83 -19.45 -9.51
CA ALA D 241 15.74 -20.81 -10.03
C ALA D 241 14.38 -21.39 -9.71
N ASP D 242 13.67 -21.86 -10.73
CA ASP D 242 12.40 -22.54 -10.51
C ASP D 242 12.66 -23.98 -10.07
N GLY D 243 11.63 -24.59 -9.49
CA GLY D 243 11.75 -25.95 -9.02
C GLY D 243 10.76 -26.24 -7.91
N GLN D 244 11.03 -27.32 -7.17
CA GLN D 244 10.16 -27.79 -6.11
C GLN D 244 11.03 -28.39 -5.01
N THR D 245 10.54 -28.30 -3.78
CA THR D 245 11.26 -28.85 -2.64
C THR D 245 11.47 -30.34 -2.79
N GLU D 246 12.73 -30.77 -2.84
CA GLU D 246 13.21 -32.15 -2.88
C GLU D 246 13.09 -32.76 -4.27
N GLN D 247 12.34 -32.17 -5.19
CA GLN D 247 12.10 -32.75 -6.51
C GLN D 247 12.86 -32.01 -7.60
N ARG D 248 12.66 -30.70 -7.72
CA ARG D 248 13.24 -29.90 -8.78
C ARG D 248 13.97 -28.71 -8.20
N GLY D 249 14.98 -28.23 -8.94
CA GLY D 249 15.75 -27.07 -8.51
C GLY D 249 17.19 -27.38 -8.17
N ILE D 250 17.78 -26.55 -7.31
CA ILE D 250 19.17 -26.70 -6.90
C ILE D 250 19.24 -26.54 -5.38
N ASN D 251 20.36 -26.97 -4.81
CA ASN D 251 20.63 -26.75 -3.41
C ASN D 251 21.36 -25.43 -3.24
N LEU D 252 21.94 -25.19 -2.06
CA LEU D 252 22.70 -23.97 -1.84
C LEU D 252 24.14 -24.10 -2.32
N TRP D 253 24.68 -25.32 -2.34
CA TRP D 253 26.05 -25.51 -2.80
C TRP D 253 26.16 -25.17 -4.28
N GLU D 254 25.27 -25.72 -5.10
CA GLU D 254 25.31 -25.46 -6.53
C GLU D 254 25.15 -23.97 -6.83
N MET D 255 24.34 -23.28 -6.03
CA MET D 255 24.12 -21.86 -6.28
C MET D 255 25.43 -21.09 -6.20
N ALA D 256 26.13 -21.23 -5.07
CA ALA D 256 27.42 -20.55 -4.93
C ALA D 256 28.36 -21.00 -6.04
N GLU D 257 28.33 -22.28 -6.37
CA GLU D 257 29.17 -22.81 -7.44
C GLU D 257 28.82 -22.18 -8.78
N PHE D 258 27.52 -22.13 -9.08
CA PHE D 258 27.08 -21.49 -10.32
C PHE D 258 27.40 -20.00 -10.33
N LEU D 259 27.25 -19.35 -9.17
CA LEU D 259 27.49 -17.91 -9.12
C LEU D 259 28.97 -17.58 -9.25
N LEU D 260 29.85 -18.35 -8.59
CA LEU D 260 31.27 -18.07 -8.71
C LEU D 260 31.72 -18.18 -10.17
N ARG D 261 31.19 -19.15 -10.90
CA ARG D 261 31.49 -19.27 -12.31
C ARG D 261 31.08 -18.02 -13.08
N GLN D 262 30.14 -17.24 -12.54
CA GLN D 262 29.64 -16.04 -13.20
C GLN D 262 30.31 -14.76 -12.68
N GLY D 263 31.26 -14.87 -11.76
CA GLY D 263 32.05 -13.72 -11.35
C GLY D 263 31.48 -12.89 -10.23
N VAL D 264 30.72 -13.47 -9.32
CA VAL D 264 30.21 -12.75 -8.15
C VAL D 264 31.22 -12.86 -7.02
N VAL D 265 31.41 -11.77 -6.29
CA VAL D 265 32.34 -11.76 -5.18
C VAL D 265 31.68 -12.33 -3.92
N ASN D 266 30.59 -11.71 -3.49
CA ASN D 266 29.85 -12.13 -2.32
C ASN D 266 28.39 -12.37 -2.69
N ALA D 267 27.77 -13.32 -2.00
CA ALA D 267 26.36 -13.61 -2.24
C ALA D 267 25.76 -14.25 -0.99
N ILE D 268 24.45 -14.08 -0.83
CA ILE D 268 23.71 -14.65 0.28
C ILE D 268 22.44 -15.27 -0.27
N ASN D 269 21.91 -16.25 0.48
CA ASN D 269 20.68 -16.90 0.09
C ASN D 269 19.48 -16.09 0.57
N LEU D 270 18.35 -16.30 -0.08
CA LEU D 270 17.10 -15.62 0.22
C LEU D 270 15.98 -16.64 0.29
N ASP D 271 14.77 -16.16 0.56
CA ASP D 271 13.63 -17.05 0.70
C ASP D 271 13.42 -17.86 -0.57
N GLY D 272 12.90 -19.07 -0.40
CA GLY D 272 12.69 -19.96 -1.53
C GLY D 272 11.48 -20.85 -1.30
N GLY D 273 11.25 -21.74 -2.24
CA GLY D 273 10.11 -22.66 -2.18
C GLY D 273 8.90 -22.10 -2.93
N GLY D 274 7.84 -21.76 -2.17
CA GLY D 274 6.70 -21.07 -2.76
C GLY D 274 6.91 -19.58 -2.90
N SER D 275 7.87 -19.01 -2.18
CA SER D 275 8.20 -17.60 -2.31
C SER D 275 9.05 -17.29 -3.53
N ALA D 276 9.62 -18.31 -4.17
CA ALA D 276 10.43 -18.10 -5.36
C ALA D 276 9.57 -17.50 -6.46
N THR D 277 9.78 -16.23 -6.76
CA THR D 277 8.98 -15.50 -7.75
C THR D 277 9.88 -14.55 -8.51
N PHE D 278 9.71 -14.52 -9.83
CA PHE D 278 10.43 -13.59 -10.70
C PHE D 278 9.41 -12.77 -11.48
N VAL D 279 9.40 -11.46 -11.20
CA VAL D 279 8.50 -10.52 -11.86
C VAL D 279 9.33 -9.62 -12.76
N LEU D 280 8.91 -9.48 -14.01
CA LEU D 280 9.62 -8.66 -14.98
C LEU D 280 8.64 -7.61 -15.51
N ASN D 281 8.96 -6.34 -15.31
CA ASN D 281 8.12 -5.23 -15.74
C ASN D 281 6.74 -5.29 -15.08
N GLY D 282 6.68 -5.87 -13.88
CA GLY D 282 5.46 -5.91 -13.11
C GLY D 282 4.57 -7.12 -13.34
N THR D 283 5.01 -8.09 -14.13
CA THR D 283 4.22 -9.29 -14.40
C THR D 283 5.06 -10.53 -14.11
N LEU D 284 4.38 -11.61 -13.72
CA LEU D 284 5.07 -12.84 -13.34
C LEU D 284 5.71 -13.48 -14.56
N ALA D 285 6.98 -13.88 -14.40
CA ALA D 285 7.71 -14.57 -15.45
C ALA D 285 8.26 -15.91 -14.99
N SER D 286 8.08 -16.27 -13.72
CA SER D 286 8.54 -17.54 -13.19
C SER D 286 7.36 -18.49 -13.01
N TYR D 287 7.64 -19.67 -12.49
CA TYR D 287 6.62 -20.68 -12.20
C TYR D 287 6.58 -20.95 -10.72
N PRO D 288 5.63 -20.38 -9.98
CA PRO D 288 5.60 -20.59 -8.53
C PRO D 288 5.43 -22.07 -8.19
N SER D 289 5.99 -22.46 -7.03
CA SER D 289 5.92 -23.84 -6.61
C SER D 289 4.61 -24.16 -5.90
N ASP D 290 4.09 -23.22 -5.11
CA ASP D 290 2.86 -23.46 -4.39
C ASP D 290 1.71 -23.75 -5.34
N HIS D 291 0.61 -24.24 -4.77
CA HIS D 291 -0.62 -24.53 -5.48
C HIS D 291 -1.72 -23.58 -5.03
N CYS D 292 -2.76 -23.47 -5.85
CA CYS D 292 -3.93 -22.69 -5.49
C CYS D 292 -4.90 -23.53 -4.66
N GLN D 293 -5.86 -22.85 -4.05
CA GLN D 293 -6.94 -23.57 -3.36
C GLN D 293 -7.67 -24.50 -4.32
N ASP D 294 -7.78 -24.12 -5.59
CA ASP D 294 -8.32 -25.01 -6.60
C ASP D 294 -7.42 -26.23 -6.82
N ASN D 295 -6.16 -26.13 -6.38
CA ASN D 295 -5.23 -27.26 -6.32
C ASN D 295 -4.55 -27.53 -7.66
N MET D 296 -5.32 -27.54 -8.75
CA MET D 296 -4.76 -27.91 -10.04
C MET D 296 -3.67 -26.94 -10.48
N TRP D 297 -3.92 -25.64 -10.32
CA TRP D 297 -3.06 -24.57 -10.81
C TRP D 297 -2.09 -24.08 -9.73
N ARG D 298 -1.05 -23.38 -10.19
CA ARG D 298 -0.02 -22.80 -9.33
C ARG D 298 -0.34 -21.33 -9.08
N CYS D 299 -0.26 -20.92 -7.81
CA CYS D 299 -0.56 -19.55 -7.42
C CYS D 299 0.66 -18.86 -6.81
N PRO D 300 0.93 -17.62 -7.17
CA PRO D 300 2.04 -16.89 -6.52
C PRO D 300 1.79 -16.74 -5.03
N ARG D 301 2.88 -16.73 -4.27
CA ARG D 301 2.79 -16.63 -2.82
C ARG D 301 2.84 -15.18 -2.36
N ARG D 302 2.16 -14.91 -1.25
CA ARG D 302 2.20 -13.61 -0.61
C ARG D 302 3.46 -13.51 0.25
N VAL D 303 4.34 -12.58 -0.11
CA VAL D 303 5.66 -12.51 0.51
C VAL D 303 5.72 -11.24 1.37
N SER D 304 6.80 -11.13 2.15
CA SER D 304 7.06 -9.95 2.96
C SER D 304 7.84 -8.91 2.15
N THR D 305 9.14 -8.78 2.41
CA THR D 305 9.95 -7.79 1.73
C THR D 305 10.27 -8.23 0.31
N VAL D 306 10.44 -7.26 -0.58
CA VAL D 306 10.72 -7.51 -1.98
C VAL D 306 11.95 -6.72 -2.40
N VAL D 307 12.71 -7.29 -3.34
CA VAL D 307 13.87 -6.65 -3.92
C VAL D 307 13.47 -6.10 -5.29
N CYS D 308 13.76 -4.82 -5.52
CA CYS D 308 13.29 -4.11 -6.71
C CYS D 308 14.48 -3.51 -7.45
N VAL D 309 14.38 -3.51 -8.78
CA VAL D 309 15.42 -2.95 -9.63
C VAL D 309 14.75 -2.17 -10.77
N HIS D 310 15.22 -0.94 -11.00
CA HIS D 310 14.64 -0.06 -11.99
C HIS D 310 15.78 0.77 -12.59
N GLU D 311 15.43 1.79 -13.38
CA GLU D 311 16.43 2.52 -14.15
C GLU D 311 16.12 4.01 -14.25
N PRO D 312 16.95 4.88 -13.63
CA PRO D 312 16.66 6.32 -13.54
C PRO D 312 16.15 6.92 -14.85
#